data_6RSG
#
_entry.id   6RSG
#
_cell.length_a   1.000
_cell.length_b   1.000
_cell.length_c   1.000
_cell.angle_alpha   90.00
_cell.angle_beta   90.00
_cell.angle_gamma   90.00
#
_symmetry.space_group_name_H-M   'P 1'
#
_entity_poly.entity_id   1
_entity_poly.type   'polypeptide(L)'
_entity_poly.pdbx_seq_one_letter_code
;GWGSFFKKAAHAGKHAGKAALTHYL
;
_entity_poly.pdbx_strand_id   A
#
# COMPACT_ATOMS: atom_id res chain seq x y z
N GLY A 1 2.11 7.70 7.58
CA GLY A 1 2.77 6.88 6.59
C GLY A 1 4.19 6.53 7.00
N TRP A 2 4.66 5.37 6.56
CA TRP A 2 6.01 4.93 6.89
C TRP A 2 6.37 3.67 6.12
N GLY A 3 5.35 2.89 5.75
CA GLY A 3 5.57 1.66 5.01
C GLY A 3 6.20 1.92 3.66
N SER A 4 6.07 3.14 3.17
CA SER A 4 6.65 3.50 1.87
C SER A 4 6.55 5.01 1.64
N PHE A 5 7.60 5.58 1.07
CA PHE A 5 7.63 7.01 0.78
C PHE A 5 6.73 7.34 -0.40
N PHE A 6 6.49 8.63 -0.61
CA PHE A 6 5.64 9.06 -1.72
C PHE A 6 6.28 8.70 -3.05
N LYS A 7 7.36 9.40 -3.39
CA LYS A 7 8.06 9.14 -4.64
C LYS A 7 7.09 9.17 -5.82
N LYS A 8 6.58 8.00 -6.20
CA LYS A 8 5.63 7.91 -7.31
C LYS A 8 4.25 8.39 -6.87
N ALA A 9 3.63 7.67 -5.94
CA ALA A 9 2.32 8.03 -5.45
C ALA A 9 2.02 7.31 -4.14
N ALA A 10 1.16 7.90 -3.32
CA ALA A 10 0.81 7.31 -2.03
C ALA A 10 -0.14 6.13 -2.24
N HIS A 11 -0.30 5.33 -1.18
CA HIS A 11 -1.18 4.17 -1.25
C HIS A 11 -0.83 3.29 -2.46
N ALA A 12 0.46 3.19 -2.76
CA ALA A 12 0.90 2.38 -3.90
C ALA A 12 0.39 0.95 -3.77
N GLY A 13 0.68 0.12 -4.76
CA GLY A 13 0.25 -1.26 -4.75
C GLY A 13 0.98 -2.06 -3.69
N LYS A 14 0.59 -1.87 -2.44
CA LYS A 14 1.22 -2.59 -1.33
C LYS A 14 0.46 -2.35 -0.03
N HIS A 15 0.50 -1.11 0.46
CA HIS A 15 -0.20 -0.76 1.69
C HIS A 15 -1.71 -0.71 1.46
N ALA A 16 -2.11 -0.76 0.19
CA ALA A 16 -3.53 -0.72 -0.16
C ALA A 16 -3.75 -1.29 -1.55
N GLY A 17 -3.14 -2.45 -1.82
CA GLY A 17 -3.27 -3.09 -3.12
C GLY A 17 -4.61 -3.81 -3.27
N LYS A 18 -5.69 -3.07 -3.08
CA LYS A 18 -7.02 -3.64 -3.21
C LYS A 18 -7.17 -4.85 -2.29
N ALA A 19 -6.22 -5.02 -1.37
CA ALA A 19 -6.24 -6.15 -0.45
C ALA A 19 -5.27 -5.92 0.69
N ALA A 20 -4.44 -4.89 0.56
CA ALA A 20 -3.46 -4.57 1.59
C ALA A 20 -2.58 -5.78 1.88
N LEU A 21 -1.35 -5.75 1.36
CA LEU A 21 -0.41 -6.85 1.58
C LEU A 21 -0.98 -8.16 1.02
N THR A 22 -1.91 -8.77 1.74
CA THR A 22 -2.52 -10.01 1.30
C THR A 22 -3.71 -10.37 2.18
N HIS A 23 -4.35 -9.35 2.74
CA HIS A 23 -5.51 -9.56 3.62
C HIS A 23 -6.78 -9.68 2.78
N TYR A 24 -7.74 -10.46 3.29
CA TYR A 24 -9.01 -10.65 2.59
C TYR A 24 -10.01 -11.39 3.48
N LEU A 25 -9.54 -11.82 4.64
CA LEU A 25 -10.41 -12.53 5.57
C LEU A 25 -11.61 -11.67 5.95
N GLY A 1 9.80 8.72 10.22
CA GLY A 1 10.96 7.96 10.63
C GLY A 1 12.12 8.13 9.66
N TRP A 2 12.58 7.01 9.09
CA TRP A 2 13.68 7.05 8.15
C TRP A 2 13.30 7.82 6.89
N GLY A 3 12.01 7.80 6.56
CA GLY A 3 11.53 8.50 5.39
C GLY A 3 10.07 8.20 5.10
N SER A 4 9.58 7.09 5.66
CA SER A 4 8.19 6.70 5.45
C SER A 4 7.90 6.53 3.96
N PHE A 5 6.61 6.34 3.64
CA PHE A 5 6.20 6.16 2.24
C PHE A 5 4.72 6.50 2.08
N PHE A 6 4.27 7.50 2.83
CA PHE A 6 2.88 7.92 2.76
C PHE A 6 2.61 8.67 1.47
N LYS A 7 3.46 9.66 1.18
CA LYS A 7 3.30 10.45 -0.05
C LYS A 7 3.39 9.55 -1.27
N LYS A 8 4.56 9.54 -1.92
CA LYS A 8 4.76 8.72 -3.11
C LYS A 8 4.57 7.24 -2.77
N ALA A 9 3.77 6.56 -3.58
CA ALA A 9 3.51 5.13 -3.37
C ALA A 9 2.70 4.56 -4.53
N ALA A 10 1.89 5.40 -5.15
CA ALA A 10 1.06 4.97 -6.27
C ALA A 10 0.31 3.69 -5.93
N HIS A 11 -0.37 3.12 -6.92
CA HIS A 11 -1.12 1.89 -6.72
C HIS A 11 -0.17 0.71 -6.54
N ALA A 12 -0.64 -0.48 -6.94
CA ALA A 12 0.18 -1.68 -6.82
C ALA A 12 0.65 -1.87 -5.39
N GLY A 13 0.04 -2.82 -4.68
CA GLY A 13 0.40 -3.08 -3.30
C GLY A 13 -0.10 -1.98 -2.38
N LYS A 14 -1.13 -1.27 -2.81
CA LYS A 14 -1.69 -0.18 -2.03
C LYS A 14 -3.04 0.24 -2.59
N HIS A 15 -4.09 0.09 -1.79
CA HIS A 15 -5.43 0.47 -2.23
C HIS A 15 -5.81 -0.27 -3.51
N ALA A 16 -4.95 -1.20 -3.92
CA ALA A 16 -5.21 -1.98 -5.13
C ALA A 16 -4.23 -3.16 -5.23
N GLY A 17 -3.79 -3.64 -4.07
CA GLY A 17 -2.85 -4.76 -4.03
C GLY A 17 -3.56 -6.09 -4.13
N LYS A 18 -3.75 -6.57 -5.35
CA LYS A 18 -4.42 -7.85 -5.59
C LYS A 18 -5.85 -7.81 -5.04
N ALA A 19 -5.98 -7.92 -3.71
CA ALA A 19 -7.29 -7.90 -3.06
C ALA A 19 -7.25 -7.02 -1.82
N ALA A 20 -6.81 -5.77 -1.99
CA ALA A 20 -6.73 -4.83 -0.88
C ALA A 20 -5.84 -5.40 0.23
N LEU A 21 -4.54 -5.16 0.11
CA LEU A 21 -3.59 -5.64 1.11
C LEU A 21 -3.81 -7.13 1.38
N THR A 22 -4.22 -7.86 0.35
CA THR A 22 -4.45 -9.29 0.49
C THR A 22 -5.43 -9.56 1.64
N HIS A 23 -6.71 -9.70 1.30
CA HIS A 23 -7.73 -9.95 2.30
C HIS A 23 -7.75 -8.84 3.35
N TYR A 24 -8.05 -9.21 4.59
CA TYR A 24 -8.10 -8.23 5.68
C TYR A 24 -8.12 -8.94 7.03
N LEU A 25 -7.37 -10.03 7.14
CA LEU A 25 -7.31 -10.79 8.38
C LEU A 25 -8.71 -11.21 8.82
N GLY A 1 16.57 7.57 3.65
CA GLY A 1 15.24 7.76 3.10
C GLY A 1 14.36 8.58 4.03
N TRP A 2 14.68 9.86 4.18
CA TRP A 2 13.90 10.73 5.04
C TRP A 2 12.56 11.08 4.40
N GLY A 3 12.62 11.82 3.29
CA GLY A 3 11.41 12.21 2.59
C GLY A 3 10.56 11.02 2.21
N SER A 4 11.17 9.84 2.16
CA SER A 4 10.43 8.63 1.80
C SER A 4 9.47 8.24 2.92
N PHE A 5 8.28 7.79 2.53
CA PHE A 5 7.27 7.39 3.51
C PHE A 5 7.00 8.51 4.49
N PHE A 6 6.03 9.37 4.16
CA PHE A 6 5.67 10.49 5.02
C PHE A 6 4.32 11.06 4.62
N LYS A 7 3.87 10.71 3.42
CA LYS A 7 2.58 11.20 2.93
C LYS A 7 2.19 10.49 1.64
N LYS A 8 3.19 10.00 0.91
CA LYS A 8 2.94 9.30 -0.34
C LYS A 8 2.32 7.94 -0.08
N ALA A 9 1.15 7.71 -0.66
CA ALA A 9 0.45 6.44 -0.48
C ALA A 9 1.15 5.32 -1.24
N ALA A 10 2.04 4.60 -0.54
CA ALA A 10 2.77 3.52 -1.17
C ALA A 10 1.86 2.31 -1.39
N HIS A 11 1.98 1.69 -2.56
CA HIS A 11 1.15 0.53 -2.89
C HIS A 11 1.51 -0.65 -1.99
N ALA A 12 2.79 -0.99 -1.96
CA ALA A 12 3.27 -2.11 -1.15
C ALA A 12 2.47 -3.37 -1.48
N GLY A 13 1.42 -3.62 -0.71
CA GLY A 13 0.58 -4.80 -0.93
C GLY A 13 -0.69 -4.75 -0.12
N LYS A 14 -1.65 -3.95 -0.57
CA LYS A 14 -2.92 -3.83 0.12
C LYS A 14 -3.93 -3.03 -0.72
N HIS A 15 -3.49 -1.88 -1.22
CA HIS A 15 -4.35 -1.04 -2.03
C HIS A 15 -4.52 -1.63 -3.43
N ALA A 16 -3.73 -2.65 -3.73
CA ALA A 16 -3.81 -3.29 -5.05
C ALA A 16 -2.99 -4.57 -5.07
N GLY A 17 -2.98 -5.29 -3.95
CA GLY A 17 -2.24 -6.54 -3.85
C GLY A 17 -3.02 -7.70 -4.41
N LYS A 18 -2.91 -7.91 -5.73
CA LYS A 18 -3.62 -9.00 -6.39
C LYS A 18 -5.12 -8.84 -6.20
N ALA A 19 -5.62 -7.64 -6.49
CA ALA A 19 -7.04 -7.35 -6.36
C ALA A 19 -7.53 -7.71 -4.96
N ALA A 20 -6.68 -7.53 -3.96
CA ALA A 20 -7.04 -7.84 -2.58
C ALA A 20 -7.90 -6.71 -1.99
N LEU A 21 -7.32 -5.51 -1.95
CA LEU A 21 -8.03 -4.34 -1.41
C LEU A 21 -8.40 -4.55 0.06
N THR A 22 -8.09 -5.73 0.59
CA THR A 22 -8.39 -6.04 1.99
C THR A 22 -7.98 -7.47 2.34
N HIS A 23 -7.55 -8.21 1.32
CA HIS A 23 -7.15 -9.60 1.52
C HIS A 23 -8.27 -10.39 2.18
N TYR A 24 -9.21 -10.86 1.36
CA TYR A 24 -10.35 -11.62 1.87
C TYR A 24 -11.08 -10.85 2.94
N LEU A 25 -12.32 -11.27 3.23
CA LEU A 25 -13.13 -10.60 4.24
C LEU A 25 -12.61 -10.93 5.64
N GLY A 1 15.26 9.74 7.93
CA GLY A 1 14.49 10.67 7.12
C GLY A 1 13.64 9.95 6.09
N TRP A 2 14.29 9.19 5.22
CA TRP A 2 13.58 8.45 4.18
C TRP A 2 12.76 7.32 4.79
N GLY A 3 12.99 7.06 6.08
CA GLY A 3 12.27 6.01 6.76
C GLY A 3 10.77 6.14 6.59
N SER A 4 10.31 7.36 6.32
CA SER A 4 8.89 7.61 6.13
C SER A 4 8.08 7.02 7.28
N PHE A 5 6.76 7.02 7.13
CA PHE A 5 5.88 6.48 8.17
C PHE A 5 4.49 6.25 7.61
N PHE A 6 3.84 7.32 7.14
CA PHE A 6 2.50 7.21 6.58
C PHE A 6 2.55 6.55 5.20
N LYS A 7 1.69 5.57 5.00
CA LYS A 7 1.64 4.87 3.72
C LYS A 7 1.14 5.78 2.61
N LYS A 8 1.96 5.97 1.59
CA LYS A 8 1.59 6.82 0.47
C LYS A 8 0.48 6.17 -0.36
N ALA A 9 -0.72 6.75 -0.28
CA ALA A 9 -1.86 6.22 -1.02
C ALA A 9 -1.55 6.16 -2.52
N ALA A 10 -1.58 4.96 -3.08
CA ALA A 10 -1.30 4.78 -4.50
C ALA A 10 -1.65 3.36 -4.94
N HIS A 11 -2.29 2.61 -4.06
CA HIS A 11 -2.67 1.24 -4.36
C HIS A 11 -3.85 1.22 -5.33
N ALA A 12 -4.03 0.09 -6.00
CA ALA A 12 -5.12 -0.05 -6.97
C ALA A 12 -5.33 -1.52 -7.32
N GLY A 13 -5.21 -2.39 -6.34
CA GLY A 13 -5.37 -3.82 -6.56
C GLY A 13 -4.51 -4.32 -7.70
N LYS A 14 -3.20 -4.15 -7.55
CA LYS A 14 -2.27 -4.59 -8.58
C LYS A 14 -0.83 -4.52 -8.07
N HIS A 15 -0.43 -3.32 -7.63
CA HIS A 15 0.92 -3.11 -7.13
C HIS A 15 1.20 -4.05 -5.95
N ALA A 16 0.56 -3.76 -4.81
CA ALA A 16 0.75 -4.58 -3.62
C ALA A 16 0.56 -6.06 -3.94
N GLY A 17 -0.61 -6.40 -4.47
CA GLY A 17 -0.90 -7.77 -4.81
C GLY A 17 -0.85 -8.69 -3.60
N LYS A 18 -0.87 -8.09 -2.41
CA LYS A 18 -0.82 -8.86 -1.17
C LYS A 18 -1.47 -8.06 -0.04
N ALA A 19 -2.16 -6.99 -0.40
CA ALA A 19 -2.83 -6.16 0.60
C ALA A 19 -3.87 -5.26 -0.06
N ALA A 20 -3.55 -4.80 -1.27
CA ALA A 20 -4.47 -3.95 -2.01
C ALA A 20 -5.67 -4.75 -2.50
N LEU A 21 -5.41 -5.73 -3.35
CA LEU A 21 -6.48 -6.57 -3.88
C LEU A 21 -7.16 -7.30 -2.73
N THR A 22 -6.35 -7.94 -1.89
CA THR A 22 -6.88 -8.68 -0.74
C THR A 22 -7.69 -7.75 0.16
N HIS A 23 -7.39 -6.45 0.08
CA HIS A 23 -8.10 -5.46 0.89
C HIS A 23 -7.93 -5.75 2.38
N TYR A 24 -7.64 -4.71 3.15
CA TYR A 24 -7.46 -4.87 4.59
C TYR A 24 -7.38 -3.50 5.27
N LEU A 25 -6.36 -2.73 4.92
CA LEU A 25 -6.17 -1.41 5.51
C LEU A 25 -6.08 -1.50 7.02
N GLY A 1 10.86 11.35 8.17
CA GLY A 1 9.79 11.02 9.08
C GLY A 1 10.24 10.02 10.13
N TRP A 2 9.39 9.03 10.41
CA TRP A 2 9.70 8.02 11.40
C TRP A 2 10.73 7.03 10.85
N GLY A 3 10.61 6.73 9.57
CA GLY A 3 11.53 5.79 8.93
C GLY A 3 11.26 5.67 7.43
N SER A 4 10.58 6.67 6.89
CA SER A 4 10.25 6.66 5.46
C SER A 4 9.77 8.02 5.01
N PHE A 5 10.15 8.41 3.80
CA PHE A 5 9.74 9.71 3.26
C PHE A 5 10.02 9.77 1.76
N PHE A 6 9.05 9.33 0.96
CA PHE A 6 9.20 9.34 -0.49
C PHE A 6 7.84 9.33 -1.17
N LYS A 7 7.82 9.06 -2.47
CA LYS A 7 6.57 9.02 -3.23
C LYS A 7 5.64 7.95 -2.67
N LYS A 8 4.33 8.20 -2.75
CA LYS A 8 3.35 7.25 -2.26
C LYS A 8 3.49 5.91 -2.98
N ALA A 9 2.62 5.67 -3.94
CA ALA A 9 2.65 4.42 -4.70
C ALA A 9 1.72 4.49 -5.90
N ALA A 10 0.62 5.21 -5.73
CA ALA A 10 -0.36 5.37 -6.81
C ALA A 10 -0.86 3.99 -7.27
N HIS A 11 -1.96 3.55 -6.67
CA HIS A 11 -2.53 2.26 -7.03
C HIS A 11 -1.49 1.14 -6.91
N ALA A 12 -1.90 -0.08 -7.22
CA ALA A 12 -1.00 -1.22 -7.16
C ALA A 12 -0.36 -1.32 -5.76
N GLY A 13 -0.85 -2.27 -4.97
CA GLY A 13 -0.32 -2.46 -3.62
C GLY A 13 -0.80 -1.38 -2.68
N LYS A 14 -2.04 -0.93 -2.88
CA LYS A 14 -2.61 0.11 -2.03
C LYS A 14 -4.12 0.19 -2.24
N HIS A 15 -4.53 0.74 -3.38
CA HIS A 15 -5.95 0.88 -3.68
C HIS A 15 -6.55 -0.46 -4.10
N ALA A 16 -5.68 -1.40 -4.48
CA ALA A 16 -6.13 -2.73 -4.91
C ALA A 16 -4.99 -3.73 -4.82
N GLY A 17 -4.35 -3.79 -3.65
CA GLY A 17 -3.24 -4.71 -3.46
C GLY A 17 -3.71 -6.14 -3.29
N LYS A 18 -4.26 -6.71 -4.37
CA LYS A 18 -4.76 -8.08 -4.36
C LYS A 18 -6.00 -8.23 -3.47
N ALA A 19 -6.24 -7.24 -2.62
CA ALA A 19 -7.40 -7.28 -1.73
C ALA A 19 -7.56 -5.95 -1.00
N ALA A 20 -7.05 -4.88 -1.60
CA ALA A 20 -7.14 -3.56 -0.98
C ALA A 20 -6.52 -3.57 0.41
N LEU A 21 -5.33 -4.12 0.52
CA LEU A 21 -4.65 -4.20 1.81
C LEU A 21 -5.54 -4.88 2.85
N THR A 22 -5.48 -6.22 2.89
CA THR A 22 -6.30 -6.97 3.83
C THR A 22 -5.83 -8.43 3.89
N HIS A 23 -5.80 -9.07 2.72
CA HIS A 23 -5.37 -10.47 2.65
C HIS A 23 -6.15 -11.32 3.66
N TYR A 24 -7.43 -11.55 3.36
CA TYR A 24 -8.27 -12.34 4.25
C TYR A 24 -7.66 -13.72 4.48
N LEU A 25 -7.73 -14.20 5.71
CA LEU A 25 -7.18 -15.51 6.06
C LEU A 25 -8.05 -16.62 5.49
N GLY A 1 7.82 5.44 9.01
CA GLY A 1 8.30 6.17 10.17
C GLY A 1 8.59 7.62 9.84
N TRP A 2 8.83 8.42 10.88
CA TRP A 2 9.12 9.83 10.69
C TRP A 2 10.35 10.01 9.81
N GLY A 3 11.24 9.02 9.83
CA GLY A 3 12.45 9.08 9.04
C GLY A 3 12.17 8.99 7.55
N SER A 4 11.49 7.92 7.15
CA SER A 4 11.17 7.71 5.74
C SER A 4 10.46 8.95 5.17
N PHE A 5 10.77 9.26 3.91
CA PHE A 5 10.17 10.42 3.26
C PHE A 5 8.65 10.24 3.13
N PHE A 6 8.25 9.33 2.23
CA PHE A 6 6.83 9.07 2.01
C PHE A 6 6.64 7.68 1.39
N LYS A 7 5.44 7.13 1.57
CA LYS A 7 5.13 5.81 1.03
C LYS A 7 5.36 5.78 -0.48
N LYS A 8 4.53 6.52 -1.21
CA LYS A 8 4.65 6.56 -2.66
C LYS A 8 4.64 5.14 -3.25
N ALA A 9 3.47 4.71 -3.70
CA ALA A 9 3.34 3.37 -4.27
C ALA A 9 2.02 3.24 -5.03
N ALA A 10 2.10 2.95 -6.32
CA ALA A 10 0.91 2.80 -7.14
C ALA A 10 0.02 1.68 -6.59
N HIS A 11 -1.15 1.52 -7.20
CA HIS A 11 -2.08 0.49 -6.76
C HIS A 11 -1.44 -0.90 -6.89
N ALA A 12 -0.97 -1.22 -8.09
CA ALA A 12 -0.35 -2.52 -8.33
C ALA A 12 -1.25 -3.64 -7.86
N GLY A 13 -2.55 -3.45 -8.00
CA GLY A 13 -3.52 -4.46 -7.59
C GLY A 13 -4.93 -4.11 -8.02
N LYS A 14 -5.57 -3.21 -7.29
CA LYS A 14 -6.93 -2.79 -7.61
C LYS A 14 -7.29 -1.51 -6.87
N HIS A 15 -7.68 -1.65 -5.60
CA HIS A 15 -8.04 -0.48 -4.80
C HIS A 15 -6.80 0.28 -4.37
N ALA A 16 -5.81 -0.46 -3.85
CA ALA A 16 -4.57 0.16 -3.40
C ALA A 16 -3.54 -0.91 -3.02
N GLY A 17 -3.99 -2.15 -3.00
CA GLY A 17 -3.12 -3.26 -2.65
C GLY A 17 -3.82 -4.59 -2.80
N LYS A 18 -4.27 -4.87 -4.03
CA LYS A 18 -4.97 -6.12 -4.30
C LYS A 18 -6.14 -6.29 -3.34
N ALA A 19 -5.90 -6.97 -2.22
CA ALA A 19 -6.93 -7.20 -1.22
C ALA A 19 -7.02 -6.00 -0.28
N ALA A 20 -6.89 -4.80 -0.85
CA ALA A 20 -6.96 -3.58 -0.05
C ALA A 20 -5.90 -3.57 1.03
N LEU A 21 -4.71 -3.07 0.68
CA LEU A 21 -3.60 -3.00 1.64
C LEU A 21 -3.35 -4.36 2.27
N THR A 22 -3.68 -5.43 1.54
CA THR A 22 -3.47 -6.78 2.06
C THR A 22 -4.07 -6.93 3.45
N HIS A 23 -5.39 -6.80 3.54
CA HIS A 23 -6.08 -6.90 4.82
C HIS A 23 -6.08 -8.36 5.31
N TYR A 24 -6.99 -9.16 4.76
CA TYR A 24 -7.08 -10.56 5.15
C TYR A 24 -5.72 -11.25 5.02
N LEU A 25 -5.65 -12.50 5.47
CA LEU A 25 -4.40 -13.24 5.39
C LEU A 25 -4.66 -14.74 5.61
N GLY A 1 8.12 11.17 6.44
CA GLY A 1 8.09 9.72 6.58
C GLY A 1 9.45 9.17 6.94
N TRP A 2 9.45 8.07 7.69
CA TRP A 2 10.71 7.44 8.10
C TRP A 2 11.44 6.86 6.90
N GLY A 3 12.59 7.43 6.59
CA GLY A 3 13.38 6.96 5.45
C GLY A 3 12.72 7.27 4.13
N SER A 4 11.67 6.52 3.82
CA SER A 4 10.94 6.73 2.56
C SER A 4 10.47 8.17 2.44
N PHE A 5 10.43 8.67 1.22
CA PHE A 5 9.99 10.05 0.97
C PHE A 5 8.48 10.15 0.98
N PHE A 6 7.88 9.96 2.16
CA PHE A 6 6.43 10.04 2.29
C PHE A 6 5.75 9.06 1.33
N LYS A 7 4.44 8.91 1.48
CA LYS A 7 3.67 8.01 0.63
C LYS A 7 3.48 8.61 -0.75
N LYS A 8 3.45 9.94 -0.83
CA LYS A 8 3.27 10.63 -2.10
C LYS A 8 2.03 10.12 -2.83
N ALA A 9 2.21 9.07 -3.63
CA ALA A 9 1.09 8.51 -4.38
C ALA A 9 1.45 7.12 -4.91
N ALA A 10 2.16 6.35 -4.08
CA ALA A 10 2.57 5.01 -4.48
C ALA A 10 1.35 4.09 -4.59
N HIS A 11 1.59 2.79 -4.67
CA HIS A 11 0.51 1.82 -4.78
C HIS A 11 1.03 0.40 -4.53
N ALA A 12 1.75 0.22 -3.43
CA ALA A 12 2.30 -1.08 -3.10
C ALA A 12 1.18 -2.04 -2.70
N GLY A 13 1.56 -3.22 -2.22
CA GLY A 13 0.58 -4.22 -1.80
C GLY A 13 -0.30 -3.71 -0.67
N LYS A 14 -1.28 -2.89 -1.01
CA LYS A 14 -2.18 -2.35 -0.01
C LYS A 14 -3.34 -1.61 -0.68
N HIS A 15 -3.04 -0.47 -1.30
CA HIS A 15 -4.06 0.31 -1.98
C HIS A 15 -4.61 -0.45 -3.17
N ALA A 16 -3.96 -1.56 -3.51
CA ALA A 16 -4.40 -2.37 -4.64
C ALA A 16 -3.64 -3.70 -4.66
N GLY A 17 -3.69 -4.42 -3.55
CA GLY A 17 -3.01 -5.70 -3.44
C GLY A 17 -3.74 -6.80 -4.18
N LYS A 18 -3.83 -6.66 -5.51
CA LYS A 18 -4.50 -7.66 -6.34
C LYS A 18 -5.99 -7.71 -6.00
N ALA A 19 -6.41 -6.93 -5.02
CA ALA A 19 -7.82 -6.91 -4.62
C ALA A 19 -8.06 -5.81 -3.58
N ALA A 20 -7.99 -6.19 -2.31
CA ALA A 20 -8.20 -5.23 -1.22
C ALA A 20 -7.70 -5.80 0.09
N LEU A 21 -6.50 -5.38 0.51
CA LEU A 21 -5.92 -5.85 1.75
C LEU A 21 -5.81 -7.38 1.73
N THR A 22 -5.78 -7.95 0.54
CA THR A 22 -5.68 -9.40 0.39
C THR A 22 -6.81 -10.09 1.17
N HIS A 23 -8.03 -9.58 1.00
CA HIS A 23 -9.18 -10.16 1.68
C HIS A 23 -8.93 -10.27 3.18
N TYR A 24 -9.97 -10.62 3.93
CA TYR A 24 -9.86 -10.78 5.38
C TYR A 24 -9.59 -12.23 5.76
N LEU A 25 -8.63 -12.44 6.64
CA LEU A 25 -8.28 -13.80 7.07
C LEU A 25 -9.35 -14.35 8.01
N GLY A 1 16.28 10.82 11.08
CA GLY A 1 15.34 11.08 10.01
C GLY A 1 15.24 12.56 9.70
N TRP A 2 15.98 13.01 8.70
CA TRP A 2 15.97 14.41 8.31
C TRP A 2 14.60 14.80 7.75
N GLY A 3 13.92 13.84 7.13
CA GLY A 3 12.61 14.08 6.56
C GLY A 3 12.19 12.98 5.62
N SER A 4 12.96 12.77 4.56
CA SER A 4 12.65 11.74 3.58
C SER A 4 12.90 10.36 4.18
N PHE A 5 11.94 9.44 3.96
CA PHE A 5 12.07 8.09 4.48
C PHE A 5 10.96 7.19 3.91
N PHE A 6 9.75 7.35 4.44
CA PHE A 6 8.63 6.55 3.98
C PHE A 6 8.40 6.75 2.48
N LYS A 7 7.26 6.27 1.99
CA LYS A 7 6.93 6.39 0.58
C LYS A 7 5.45 6.13 0.35
N LYS A 8 4.80 7.02 -0.40
CA LYS A 8 3.38 6.87 -0.68
C LYS A 8 3.08 5.50 -1.26
N ALA A 9 1.83 5.07 -1.14
CA ALA A 9 1.41 3.77 -1.66
C ALA A 9 -0.11 3.69 -1.72
N ALA A 10 -0.71 4.53 -2.55
CA ALA A 10 -2.16 4.55 -2.69
C ALA A 10 -2.69 3.13 -2.93
N HIS A 11 -2.50 2.62 -4.13
CA HIS A 11 -2.96 1.28 -4.47
C HIS A 11 -2.37 0.83 -5.80
N ALA A 12 -1.07 0.58 -5.81
CA ALA A 12 -0.39 0.14 -7.02
C ALA A 12 -1.00 -1.16 -7.53
N GLY A 13 -1.39 -2.03 -6.60
CA GLY A 13 -1.97 -3.30 -6.96
C GLY A 13 -3.39 -3.14 -7.51
N LYS A 14 -4.25 -4.09 -7.19
CA LYS A 14 -5.64 -4.05 -7.65
C LYS A 14 -6.42 -2.97 -6.91
N HIS A 15 -6.39 -3.04 -5.58
CA HIS A 15 -7.10 -2.05 -4.77
C HIS A 15 -6.69 -2.18 -3.30
N ALA A 16 -5.54 -2.80 -3.06
CA ALA A 16 -5.04 -2.98 -1.71
C ALA A 16 -3.59 -3.43 -1.73
N GLY A 17 -3.26 -4.30 -2.69
CA GLY A 17 -1.90 -4.80 -2.81
C GLY A 17 -1.57 -5.82 -1.74
N LYS A 18 -1.46 -5.36 -0.49
CA LYS A 18 -1.14 -6.25 0.62
C LYS A 18 -2.38 -7.05 1.03
N ALA A 19 -3.28 -7.27 0.09
CA ALA A 19 -4.50 -8.02 0.37
C ALA A 19 -5.22 -8.37 -0.93
N ALA A 20 -4.85 -7.67 -2.01
CA ALA A 20 -5.47 -7.90 -3.31
C ALA A 20 -6.99 -7.89 -3.18
N LEU A 21 -7.59 -6.70 -3.25
CA LEU A 21 -9.03 -6.57 -3.16
C LEU A 21 -9.53 -7.27 -1.90
N THR A 22 -8.90 -6.97 -0.77
CA THR A 22 -9.29 -7.59 0.50
C THR A 22 -9.32 -9.11 0.37
N HIS A 23 -8.20 -9.74 0.72
CA HIS A 23 -8.11 -11.19 0.64
C HIS A 23 -9.17 -11.85 1.51
N TYR A 24 -9.27 -11.40 2.76
CA TYR A 24 -10.25 -11.96 3.69
C TYR A 24 -11.67 -11.75 3.16
N LEU A 25 -12.57 -12.66 3.53
CA LEU A 25 -13.95 -12.57 3.09
C LEU A 25 -14.66 -11.40 3.77
N GLY A 1 9.69 10.85 9.65
CA GLY A 1 8.65 10.62 10.64
C GLY A 1 8.57 9.15 11.05
N TRP A 2 9.71 8.46 10.96
CA TRP A 2 9.76 7.05 11.33
C TRP A 2 8.66 6.27 10.63
N GLY A 3 8.89 5.92 9.37
CA GLY A 3 7.91 5.18 8.60
C GLY A 3 8.28 5.10 7.14
N SER A 4 8.75 6.21 6.59
CA SER A 4 9.14 6.26 5.18
C SER A 4 7.98 5.82 4.29
N PHE A 5 7.05 6.74 4.06
CA PHE A 5 5.89 6.43 3.22
C PHE A 5 6.34 5.93 1.85
N PHE A 6 5.45 5.23 1.16
CA PHE A 6 5.77 4.72 -0.16
C PHE A 6 6.16 5.84 -1.11
N LYS A 7 7.29 5.65 -1.80
CA LYS A 7 7.77 6.66 -2.74
C LYS A 7 6.68 7.03 -3.73
N LYS A 8 6.08 8.21 -3.54
CA LYS A 8 5.02 8.67 -4.43
C LYS A 8 3.96 7.59 -4.61
N ALA A 9 3.03 7.82 -5.51
CA ALA A 9 1.95 6.86 -5.76
C ALA A 9 2.53 5.46 -6.01
N ALA A 10 1.72 4.44 -5.78
CA ALA A 10 2.16 3.07 -5.98
C ALA A 10 0.96 2.12 -6.01
N HIS A 11 0.58 1.63 -4.83
CA HIS A 11 -0.55 0.72 -4.73
C HIS A 11 -0.40 -0.45 -5.69
N ALA A 12 0.22 -1.52 -5.23
CA ALA A 12 0.44 -2.71 -6.06
C ALA A 12 -0.84 -3.54 -6.14
N GLY A 13 -1.90 -2.96 -6.70
CA GLY A 13 -3.17 -3.64 -6.84
C GLY A 13 -4.25 -2.74 -7.39
N LYS A 14 -4.77 -1.86 -6.55
CA LYS A 14 -5.82 -0.94 -6.97
C LYS A 14 -5.89 0.25 -6.01
N HIS A 15 -6.42 0.01 -4.81
CA HIS A 15 -6.54 1.06 -3.80
C HIS A 15 -5.25 1.16 -3.00
N ALA A 16 -4.72 0.01 -2.59
CA ALA A 16 -3.49 -0.02 -1.81
C ALA A 16 -3.00 -1.46 -1.66
N GLY A 17 -3.87 -2.41 -2.00
CA GLY A 17 -3.53 -3.82 -1.90
C GLY A 17 -4.66 -4.71 -2.34
N LYS A 18 -5.20 -4.41 -3.53
CA LYS A 18 -6.30 -5.20 -4.07
C LYS A 18 -7.48 -5.22 -3.09
N ALA A 19 -7.89 -4.03 -2.66
CA ALA A 19 -9.00 -3.91 -1.72
C ALA A 19 -8.77 -4.80 -0.51
N ALA A 20 -7.61 -4.65 0.12
CA ALA A 20 -7.27 -5.45 1.29
C ALA A 20 -6.02 -4.91 1.97
N LEU A 21 -5.42 -3.89 1.37
CA LEU A 21 -4.21 -3.30 1.93
C LEU A 21 -3.16 -4.38 2.17
N THR A 22 -3.08 -4.86 3.41
CA THR A 22 -2.11 -5.90 3.76
C THR A 22 -2.63 -7.28 3.37
N HIS A 23 -3.23 -7.35 2.18
CA HIS A 23 -3.77 -8.62 1.70
C HIS A 23 -4.66 -9.27 2.75
N TYR A 24 -4.98 -10.54 2.54
CA TYR A 24 -5.83 -11.27 3.47
C TYR A 24 -5.10 -11.47 4.81
N LEU A 25 -4.37 -12.58 4.91
CA LEU A 25 -3.64 -12.87 6.13
C LEU A 25 -2.65 -11.76 6.45
N GLY A 1 15.11 10.24 3.57
CA GLY A 1 16.12 10.47 4.58
C GLY A 1 16.08 11.89 5.11
N TRP A 2 17.22 12.57 5.03
CA TRP A 2 17.29 13.95 5.52
C TRP A 2 16.50 14.89 4.60
N GLY A 3 15.74 15.78 5.21
CA GLY A 3 14.94 16.73 4.44
C GLY A 3 13.70 16.08 3.86
N SER A 4 13.91 15.19 2.90
CA SER A 4 12.79 14.50 2.26
C SER A 4 11.87 13.87 3.29
N PHE A 5 10.69 13.46 2.87
CA PHE A 5 9.72 12.83 3.76
C PHE A 5 8.59 12.19 2.99
N PHE A 6 8.44 12.59 1.72
CA PHE A 6 7.39 12.04 0.88
C PHE A 6 7.58 10.53 0.71
N LYS A 7 6.52 9.86 0.25
CA LYS A 7 6.57 8.41 0.04
C LYS A 7 6.93 7.70 1.35
N LYS A 8 5.98 6.93 1.87
CA LYS A 8 6.19 6.20 3.12
C LYS A 8 5.13 5.12 3.29
N ALA A 9 4.64 4.60 2.17
CA ALA A 9 3.62 3.56 2.21
C ALA A 9 3.43 2.95 0.82
N ALA A 10 2.32 2.24 0.64
CA ALA A 10 2.03 1.61 -0.64
C ALA A 10 0.60 1.07 -0.68
N HIS A 11 0.47 -0.23 -0.44
CA HIS A 11 -0.85 -0.86 -0.43
C HIS A 11 -1.58 -0.62 -1.75
N ALA A 12 -2.19 0.55 -1.88
CA ALA A 12 -2.91 0.90 -3.10
C ALA A 12 -3.93 -0.20 -3.45
N GLY A 13 -4.65 -0.67 -2.43
CA GLY A 13 -5.64 -1.69 -2.64
C GLY A 13 -6.31 -2.11 -1.34
N LYS A 14 -5.58 -2.85 -0.52
CA LYS A 14 -6.12 -3.31 0.76
C LYS A 14 -4.99 -3.81 1.65
N HIS A 15 -4.21 -4.77 1.16
CA HIS A 15 -3.10 -5.33 1.92
C HIS A 15 -2.11 -6.02 1.00
N ALA A 16 -2.34 -5.90 -0.30
CA ALA A 16 -1.45 -6.53 -1.28
C ALA A 16 -1.76 -6.00 -2.68
N GLY A 17 -3.03 -5.74 -2.95
CA GLY A 17 -3.44 -5.23 -4.24
C GLY A 17 -3.43 -6.31 -5.30
N LYS A 18 -2.24 -6.83 -5.59
CA LYS A 18 -2.10 -7.88 -6.59
C LYS A 18 -3.00 -9.06 -6.25
N ALA A 19 -3.46 -9.12 -5.01
CA ALA A 19 -4.33 -10.21 -4.57
C ALA A 19 -4.87 -9.93 -3.17
N ALA A 20 -5.95 -9.17 -3.10
CA ALA A 20 -6.58 -8.84 -1.82
C ALA A 20 -7.87 -8.08 -2.03
N LEU A 21 -7.78 -6.75 -2.07
CA LEU A 21 -8.96 -5.92 -2.28
C LEU A 21 -10.05 -6.30 -1.29
N THR A 22 -10.93 -7.20 -1.70
CA THR A 22 -12.02 -7.64 -0.83
C THR A 22 -12.73 -8.84 -1.42
N HIS A 23 -12.05 -9.55 -2.33
CA HIS A 23 -12.63 -10.72 -2.97
C HIS A 23 -12.86 -11.83 -1.93
N TYR A 24 -11.75 -12.37 -1.40
CA TYR A 24 -11.84 -13.44 -0.41
C TYR A 24 -12.75 -13.01 0.74
N LEU A 25 -13.68 -13.88 1.10
CA LEU A 25 -14.61 -13.59 2.19
C LEU A 25 -13.88 -13.61 3.54
N GLY A 1 3.39 12.03 7.16
CA GLY A 1 4.80 11.67 7.30
C GLY A 1 5.02 10.65 8.39
N TRP A 2 5.32 9.42 7.99
CA TRP A 2 5.57 8.35 8.95
C TRP A 2 6.17 7.14 8.27
N GLY A 3 5.73 6.87 7.04
CA GLY A 3 6.23 5.73 6.28
C GLY A 3 7.60 6.02 5.68
N SER A 4 8.52 6.48 6.51
CA SER A 4 9.87 6.79 6.04
C SER A 4 9.82 7.70 4.82
N PHE A 5 10.85 7.61 3.98
CA PHE A 5 10.91 8.43 2.78
C PHE A 5 9.94 7.91 1.72
N PHE A 6 10.18 6.68 1.26
CA PHE A 6 9.32 6.08 0.24
C PHE A 6 7.85 6.18 0.64
N LYS A 7 7.02 6.66 -0.29
CA LYS A 7 5.59 6.81 -0.03
C LYS A 7 4.91 5.43 -0.03
N LYS A 8 4.07 5.19 -1.03
CA LYS A 8 3.37 3.91 -1.13
C LYS A 8 4.36 2.76 -1.24
N ALA A 9 4.25 1.81 -0.32
CA ALA A 9 5.15 0.65 -0.32
C ALA A 9 5.17 -0.01 -1.70
N ALA A 10 4.01 -0.54 -2.11
CA ALA A 10 3.90 -1.20 -3.40
C ALA A 10 2.45 -1.56 -3.69
N HIS A 11 1.63 -0.55 -3.94
CA HIS A 11 0.22 -0.76 -4.24
C HIS A 11 0.06 -1.76 -5.38
N ALA A 12 -0.19 -3.01 -5.04
CA ALA A 12 -0.35 -4.06 -6.05
C ALA A 12 -1.74 -3.98 -6.68
N GLY A 13 -2.31 -2.78 -6.69
CA GLY A 13 -3.62 -2.58 -7.27
C GLY A 13 -3.96 -1.11 -7.44
N LYS A 14 -4.73 -0.57 -6.49
CA LYS A 14 -5.12 0.84 -6.54
C LYS A 14 -5.27 1.40 -5.12
N HIS A 15 -4.13 1.68 -4.48
CA HIS A 15 -4.13 2.22 -3.12
C HIS A 15 -5.18 1.53 -2.25
N ALA A 16 -4.81 0.41 -1.65
CA ALA A 16 -5.73 -0.33 -0.79
C ALA A 16 -7.06 -0.57 -1.50
N GLY A 17 -7.01 -1.33 -2.58
CA GLY A 17 -8.22 -1.63 -3.34
C GLY A 17 -9.15 -2.55 -2.58
N LYS A 18 -9.90 -1.98 -1.63
CA LYS A 18 -10.83 -2.76 -0.83
C LYS A 18 -10.09 -3.83 -0.03
N ALA A 19 -9.17 -3.38 0.83
CA ALA A 19 -8.39 -4.31 1.66
C ALA A 19 -7.57 -5.26 0.77
N ALA A 20 -7.12 -4.76 -0.37
CA ALA A 20 -6.32 -5.59 -1.27
C ALA A 20 -4.92 -5.78 -0.71
N LEU A 21 -4.17 -4.68 -0.59
CA LEU A 21 -2.82 -4.74 -0.06
C LEU A 21 -2.81 -5.47 1.28
N THR A 22 -3.86 -5.26 2.07
CA THR A 22 -3.95 -5.90 3.38
C THR A 22 -3.75 -7.41 3.25
N HIS A 23 -4.54 -8.04 2.39
CA HIS A 23 -4.44 -9.48 2.19
C HIS A 23 -3.19 -9.81 1.37
N TYR A 24 -3.21 -9.45 0.09
CA TYR A 24 -2.08 -9.72 -0.79
C TYR A 24 -0.88 -8.85 -0.41
N LEU A 25 0.28 -9.50 -0.26
CA LEU A 25 1.49 -8.79 0.10
C LEU A 25 1.25 -7.86 1.30
N GLY A 1 11.41 6.10 8.32
CA GLY A 1 12.58 6.80 8.81
C GLY A 1 12.24 8.20 9.30
N TRP A 2 13.23 8.86 9.90
CA TRP A 2 13.02 10.22 10.39
C TRP A 2 12.42 11.10 9.32
N GLY A 3 13.21 11.37 8.28
CA GLY A 3 12.73 12.21 7.19
C GLY A 3 11.59 11.57 6.44
N SER A 4 11.38 10.29 6.67
CA SER A 4 10.30 9.56 5.99
C SER A 4 10.37 9.78 4.48
N PHE A 5 9.46 9.14 3.76
CA PHE A 5 9.42 9.27 2.30
C PHE A 5 8.04 8.93 1.77
N PHE A 6 7.41 9.89 1.10
CA PHE A 6 6.08 9.67 0.54
C PHE A 6 6.07 8.44 -0.36
N LYS A 7 4.96 8.24 -1.07
CA LYS A 7 4.83 7.10 -1.97
C LYS A 7 3.66 7.29 -2.93
N LYS A 8 3.55 6.40 -3.90
CA LYS A 8 2.47 6.47 -4.88
C LYS A 8 2.32 5.14 -5.62
N ALA A 9 3.15 4.94 -6.64
CA ALA A 9 3.09 3.70 -7.42
C ALA A 9 3.92 2.61 -6.75
N ALA A 10 3.35 2.00 -5.72
CA ALA A 10 4.05 0.93 -5.00
C ALA A 10 3.10 0.23 -4.03
N HIS A 11 2.17 -0.55 -4.58
CA HIS A 11 1.21 -1.29 -3.76
C HIS A 11 0.55 -0.35 -2.74
N ALA A 12 -0.53 0.30 -3.16
CA ALA A 12 -1.25 1.22 -2.29
C ALA A 12 -2.63 1.53 -2.85
N GLY A 13 -3.67 1.20 -2.10
CA GLY A 13 -5.02 1.45 -2.54
C GLY A 13 -5.37 0.69 -3.80
N LYS A 14 -4.78 -0.50 -3.95
CA LYS A 14 -5.02 -1.33 -5.12
C LYS A 14 -4.54 -2.75 -4.89
N HIS A 15 -5.23 -3.72 -5.47
CA HIS A 15 -4.87 -5.12 -5.31
C HIS A 15 -4.76 -5.50 -3.84
N ALA A 16 -3.59 -5.23 -3.24
CA ALA A 16 -3.37 -5.54 -1.82
C ALA A 16 -2.84 -4.30 -1.10
N GLY A 17 -3.63 -3.24 -1.10
CA GLY A 17 -3.24 -2.00 -0.44
C GLY A 17 -3.44 -2.07 1.06
N LYS A 18 -2.76 -3.02 1.69
CA LYS A 18 -2.88 -3.19 3.14
C LYS A 18 -4.33 -3.40 3.54
N ALA A 19 -4.83 -4.62 3.31
CA ALA A 19 -6.20 -4.96 3.65
C ALA A 19 -7.17 -4.03 2.92
N ALA A 20 -6.84 -3.69 1.68
CA ALA A 20 -7.69 -2.81 0.87
C ALA A 20 -8.84 -3.60 0.26
N LEU A 21 -8.61 -4.17 -0.91
CA LEU A 21 -9.65 -4.95 -1.60
C LEU A 21 -9.78 -6.34 -0.97
N THR A 22 -9.33 -6.47 0.27
CA THR A 22 -9.40 -7.75 0.97
C THR A 22 -8.84 -8.87 0.10
N HIS A 23 -7.53 -8.83 -0.12
CA HIS A 23 -6.88 -9.86 -0.94
C HIS A 23 -7.14 -11.24 -0.37
N TYR A 24 -7.90 -12.04 -1.09
CA TYR A 24 -8.21 -13.40 -0.65
C TYR A 24 -6.97 -14.28 -0.68
N LEU A 25 -6.82 -15.14 0.32
CA LEU A 25 -5.66 -16.02 0.38
C LEU A 25 -5.75 -17.09 -0.71
N GLY A 1 7.18 6.46 8.49
CA GLY A 1 8.21 6.23 9.48
C GLY A 1 9.49 5.71 8.87
N TRP A 2 9.46 5.48 7.56
CA TRP A 2 10.63 4.97 6.86
C TRP A 2 10.44 5.07 5.35
N GLY A 3 11.55 5.10 4.61
CA GLY A 3 11.49 5.20 3.16
C GLY A 3 10.56 4.16 2.56
N SER A 4 9.32 4.55 2.31
CA SER A 4 8.35 3.63 1.74
C SER A 4 7.10 4.39 1.31
N PHE A 5 6.58 5.23 2.20
CA PHE A 5 5.38 6.00 1.91
C PHE A 5 5.62 6.93 0.71
N PHE A 6 4.70 7.86 0.50
CA PHE A 6 4.82 8.79 -0.61
C PHE A 6 3.90 9.99 -0.41
N LYS A 7 2.64 9.84 -0.82
CA LYS A 7 1.67 10.92 -0.67
C LYS A 7 0.27 10.43 -0.98
N LYS A 8 -0.02 10.24 -2.26
CA LYS A 8 -1.33 9.76 -2.68
C LYS A 8 -1.59 8.36 -2.13
N ALA A 9 -1.01 7.36 -2.78
CA ALA A 9 -1.17 5.98 -2.35
C ALA A 9 -0.69 5.80 -0.92
N ALA A 10 -0.61 4.56 -0.48
CA ALA A 10 -0.16 4.25 0.88
C ALA A 10 0.15 2.77 1.02
N HIS A 11 -0.59 1.94 0.30
CA HIS A 11 -0.38 0.50 0.34
C HIS A 11 1.03 0.15 -0.14
N ALA A 12 1.90 -0.24 0.80
CA ALA A 12 3.26 -0.60 0.45
C ALA A 12 3.27 -1.67 -0.64
N GLY A 13 2.10 -2.24 -0.90
CA GLY A 13 1.98 -3.27 -1.92
C GLY A 13 2.10 -2.71 -3.32
N LYS A 14 0.96 -2.40 -3.94
CA LYS A 14 0.96 -1.85 -5.28
C LYS A 14 -0.40 -1.20 -5.59
N HIS A 15 -0.73 -0.17 -4.83
CA HIS A 15 -2.00 0.53 -5.03
C HIS A 15 -3.17 -0.44 -4.93
N ALA A 16 -3.45 -0.91 -3.72
CA ALA A 16 -4.55 -1.84 -3.50
C ALA A 16 -4.48 -3.00 -4.48
N GLY A 17 -3.38 -3.76 -4.40
CA GLY A 17 -3.20 -4.91 -5.28
C GLY A 17 -4.08 -6.06 -4.88
N LYS A 18 -5.33 -6.05 -5.36
CA LYS A 18 -6.27 -7.11 -5.04
C LYS A 18 -6.41 -7.26 -3.52
N ALA A 19 -6.74 -6.15 -2.86
CA ALA A 19 -6.89 -6.14 -1.40
C ALA A 19 -5.54 -6.18 -0.70
N ALA A 20 -4.71 -5.17 -0.98
CA ALA A 20 -3.38 -5.09 -0.37
C ALA A 20 -2.64 -6.41 -0.49
N LEU A 21 -2.66 -7.00 -1.67
CA LEU A 21 -1.97 -8.27 -1.91
C LEU A 21 -2.18 -9.23 -0.75
N THR A 22 -3.30 -9.10 -0.05
CA THR A 22 -3.60 -9.96 1.09
C THR A 22 -5.07 -9.85 1.49
N HIS A 23 -5.45 -8.65 1.93
CA HIS A 23 -6.84 -8.40 2.36
C HIS A 23 -7.14 -6.91 2.34
N TYR A 24 -8.37 -6.56 2.69
CA TYR A 24 -8.79 -5.16 2.70
C TYR A 24 -7.95 -4.36 3.69
N LEU A 25 -7.43 -5.03 4.71
CA LEU A 25 -6.61 -4.37 5.72
C LEU A 25 -5.27 -3.95 5.12
N GLY A 1 8.45 14.97 6.95
CA GLY A 1 7.60 14.11 6.15
C GLY A 1 7.82 12.64 6.45
N TRP A 2 7.19 11.77 5.67
CA TRP A 2 7.33 10.33 5.87
C TRP A 2 8.70 9.85 5.39
N GLY A 3 9.08 8.65 5.80
CA GLY A 3 10.36 8.09 5.42
C GLY A 3 10.34 7.61 3.98
N SER A 4 9.63 8.32 3.12
CA SER A 4 9.55 7.96 1.71
C SER A 4 10.93 7.78 1.12
N PHE A 5 11.42 6.53 1.13
CA PHE A 5 12.75 6.24 0.59
C PHE A 5 12.86 6.73 -0.86
N PHE A 6 11.88 6.33 -1.68
CA PHE A 6 11.88 6.73 -3.09
C PHE A 6 10.55 6.38 -3.74
N LYS A 7 10.09 5.15 -3.51
CA LYS A 7 8.83 4.71 -4.08
C LYS A 7 7.64 5.35 -3.35
N LYS A 8 6.51 5.45 -4.05
CA LYS A 8 5.32 6.06 -3.46
C LYS A 8 4.59 5.05 -2.56
N ALA A 9 5.02 4.97 -1.31
CA ALA A 9 4.40 4.04 -0.36
C ALA A 9 3.14 4.66 0.25
N ALA A 10 2.71 5.78 -0.30
CA ALA A 10 1.52 6.47 0.19
C ALA A 10 0.29 5.57 0.06
N HIS A 11 0.32 4.67 -0.91
CA HIS A 11 -0.79 3.76 -1.14
C HIS A 11 -1.06 2.91 0.10
N ALA A 12 -2.16 3.18 0.78
CA ALA A 12 -2.53 2.43 1.98
C ALA A 12 -3.13 1.08 1.60
N GLY A 13 -3.63 0.36 2.61
CA GLY A 13 -4.22 -0.94 2.37
C GLY A 13 -5.60 -0.83 1.75
N LYS A 14 -5.63 -0.53 0.45
CA LYS A 14 -6.90 -0.39 -0.27
C LYS A 14 -6.64 -0.27 -1.76
N HIS A 15 -6.13 0.88 -2.18
CA HIS A 15 -5.84 1.11 -3.59
C HIS A 15 -4.67 0.23 -4.04
N ALA A 16 -3.85 -0.19 -3.08
CA ALA A 16 -2.71 -1.04 -3.38
C ALA A 16 -3.16 -2.35 -3.99
N GLY A 17 -4.14 -2.99 -3.35
CA GLY A 17 -4.67 -4.27 -3.84
C GLY A 17 -3.74 -5.42 -3.54
N LYS A 18 -2.44 -5.20 -3.71
CA LYS A 18 -1.46 -6.24 -3.45
C LYS A 18 -1.34 -6.52 -1.96
N ALA A 19 -2.24 -5.92 -1.18
CA ALA A 19 -2.23 -6.11 0.27
C ALA A 19 -3.58 -5.71 0.87
N ALA A 20 -4.65 -5.91 0.09
CA ALA A 20 -5.99 -5.58 0.55
C ALA A 20 -7.03 -6.28 -0.31
N LEU A 21 -7.30 -5.71 -1.49
CA LEU A 21 -8.28 -6.29 -2.40
C LEU A 21 -7.70 -7.53 -3.09
N THR A 22 -7.55 -8.61 -2.32
CA THR A 22 -7.01 -9.84 -2.87
C THR A 22 -7.22 -10.99 -1.88
N HIS A 23 -6.55 -10.92 -0.74
CA HIS A 23 -6.66 -11.97 0.27
C HIS A 23 -8.13 -12.21 0.62
N TYR A 24 -8.39 -13.29 1.36
CA TYR A 24 -9.74 -13.64 1.75
C TYR A 24 -9.73 -14.69 2.85
N LEU A 25 -10.68 -14.59 3.78
CA LEU A 25 -10.77 -15.53 4.89
C LEU A 25 -11.24 -16.89 4.38
N GLY A 1 12.77 10.32 -0.48
CA GLY A 1 11.97 10.05 0.71
C GLY A 1 12.78 10.19 1.98
N TRP A 2 12.84 9.11 2.75
CA TRP A 2 13.60 9.13 4.00
C TRP A 2 13.15 10.29 4.88
N GLY A 3 14.03 11.30 5.02
CA GLY A 3 13.71 12.46 5.83
C GLY A 3 12.71 13.36 5.14
N SER A 4 12.83 13.48 3.83
CA SER A 4 11.92 14.33 3.06
C SER A 4 10.50 13.77 3.11
N PHE A 5 9.79 14.06 4.19
CA PHE A 5 8.42 13.59 4.34
C PHE A 5 8.37 12.07 4.34
N PHE A 6 7.48 11.51 5.16
CA PHE A 6 7.35 10.06 5.26
C PHE A 6 6.61 9.51 4.03
N LYS A 7 5.67 10.30 3.50
CA LYS A 7 4.90 9.88 2.34
C LYS A 7 4.30 8.51 2.57
N LYS A 8 4.39 7.64 1.56
CA LYS A 8 3.85 6.29 1.67
C LYS A 8 4.21 5.46 0.45
N ALA A 9 4.28 4.15 0.63
CA ALA A 9 4.63 3.26 -0.47
C ALA A 9 3.47 3.18 -1.47
N ALA A 10 3.76 2.65 -2.66
CA ALA A 10 2.73 2.53 -3.69
C ALA A 10 1.63 1.56 -3.24
N HIS A 11 0.50 1.61 -3.94
CA HIS A 11 -0.62 0.72 -3.62
C HIS A 11 -0.35 -0.69 -4.12
N ALA A 12 0.91 -1.10 -4.07
CA ALA A 12 1.28 -2.44 -4.52
C ALA A 12 0.67 -3.50 -3.62
N GLY A 13 0.24 -3.10 -2.44
CA GLY A 13 -0.36 -4.03 -1.49
C GLY A 13 -0.87 -3.33 -0.25
N LYS A 14 -2.14 -2.94 -0.27
CA LYS A 14 -2.74 -2.26 0.88
C LYS A 14 -4.24 -2.11 0.68
N HIS A 15 -4.64 -1.02 0.02
CA HIS A 15 -6.07 -0.76 -0.23
C HIS A 15 -6.49 -1.37 -1.57
N ALA A 16 -5.51 -1.79 -2.36
CA ALA A 16 -5.78 -2.38 -3.66
C ALA A 16 -6.68 -3.61 -3.51
N GLY A 17 -6.39 -4.41 -2.48
CA GLY A 17 -7.17 -5.62 -2.24
C GLY A 17 -6.77 -6.75 -3.15
N LYS A 18 -6.29 -6.41 -4.35
CA LYS A 18 -5.87 -7.41 -5.32
C LYS A 18 -4.78 -8.30 -4.73
N ALA A 19 -4.14 -7.81 -3.66
CA ALA A 19 -3.08 -8.57 -3.00
C ALA A 19 -2.79 -7.97 -1.62
N ALA A 20 -3.84 -7.87 -0.79
CA ALA A 20 -3.69 -7.33 0.54
C ALA A 20 -4.87 -7.71 1.41
N LEU A 21 -6.03 -7.14 1.10
CA LEU A 21 -7.25 -7.42 1.86
C LEU A 21 -7.82 -8.78 1.46
N THR A 22 -6.93 -9.72 1.13
CA THR A 22 -7.35 -11.06 0.73
C THR A 22 -8.41 -10.99 -0.37
N HIS A 23 -8.04 -10.37 -1.49
CA HIS A 23 -8.96 -10.25 -2.62
C HIS A 23 -10.26 -9.57 -2.18
N TYR A 24 -11.17 -10.35 -1.61
CA TYR A 24 -12.45 -9.82 -1.15
C TYR A 24 -13.14 -10.80 -0.21
N LEU A 25 -12.62 -12.03 -0.16
CA LEU A 25 -13.20 -13.06 0.70
C LEU A 25 -12.82 -12.81 2.15
N GLY A 1 6.84 8.46 8.18
CA GLY A 1 7.62 8.44 6.95
C GLY A 1 8.49 7.21 6.86
N TRP A 2 8.02 6.10 7.41
CA TRP A 2 8.77 4.85 7.39
C TRP A 2 9.21 4.52 5.97
N GLY A 3 8.24 4.31 5.09
CA GLY A 3 8.54 3.99 3.70
C GLY A 3 9.18 5.15 2.97
N SER A 4 9.05 6.34 3.53
CA SER A 4 9.63 7.53 2.92
C SER A 4 9.18 7.66 1.46
N PHE A 5 9.66 8.70 0.79
CA PHE A 5 9.29 8.92 -0.60
C PHE A 5 7.77 8.89 -0.77
N PHE A 6 7.06 9.30 0.27
CA PHE A 6 5.60 9.33 0.23
C PHE A 6 5.11 10.07 -1.01
N LYS A 7 5.99 10.88 -1.60
CA LYS A 7 5.64 11.65 -2.78
C LYS A 7 5.37 10.71 -3.95
N LYS A 8 6.42 10.09 -4.47
CA LYS A 8 6.28 9.17 -5.59
C LYS A 8 5.24 8.11 -5.28
N ALA A 9 5.43 7.41 -4.16
CA ALA A 9 4.50 6.36 -3.76
C ALA A 9 3.08 6.91 -3.68
N ALA A 10 2.12 6.02 -3.44
CA ALA A 10 0.72 6.43 -3.34
C ALA A 10 -0.12 5.31 -2.73
N HIS A 11 0.12 4.09 -3.18
CA HIS A 11 -0.62 2.93 -2.66
C HIS A 11 -0.53 2.89 -1.14
N ALA A 12 -1.69 2.80 -0.49
CA ALA A 12 -1.73 2.74 0.97
C ALA A 12 -0.98 1.52 1.48
N GLY A 13 -0.55 0.66 0.56
CA GLY A 13 0.17 -0.54 0.93
C GLY A 13 0.75 -1.24 -0.28
N LYS A 14 -0.09 -1.98 -1.00
CA LYS A 14 0.35 -2.72 -2.19
C LYS A 14 -0.77 -2.74 -3.24
N HIS A 15 -1.47 -3.86 -3.33
CA HIS A 15 -2.56 -4.00 -4.30
C HIS A 15 -3.83 -3.33 -3.79
N ALA A 16 -3.70 -2.07 -3.36
CA ALA A 16 -4.84 -1.33 -2.84
C ALA A 16 -5.56 -2.13 -1.77
N GLY A 17 -4.89 -3.17 -1.25
CA GLY A 17 -5.46 -4.01 -0.22
C GLY A 17 -4.40 -4.52 0.75
N LYS A 18 -3.23 -3.89 0.72
CA LYS A 18 -2.14 -4.28 1.60
C LYS A 18 -1.82 -5.77 1.42
N ALA A 19 -2.43 -6.38 0.41
CA ALA A 19 -2.21 -7.80 0.15
C ALA A 19 -2.88 -8.20 -1.16
N ALA A 20 -4.19 -7.98 -1.24
CA ALA A 20 -4.95 -8.34 -2.44
C ALA A 20 -6.38 -7.82 -2.35
N LEU A 21 -6.54 -6.51 -2.51
CA LEU A 21 -7.86 -5.90 -2.45
C LEU A 21 -8.53 -6.20 -1.12
N THR A 22 -9.61 -6.98 -1.15
CA THR A 22 -10.34 -7.33 0.07
C THR A 22 -9.52 -8.26 0.95
N HIS A 23 -8.45 -8.82 0.39
CA HIS A 23 -7.60 -9.73 1.13
C HIS A 23 -8.41 -10.90 1.69
N TYR A 24 -8.24 -12.07 1.08
CA TYR A 24 -8.97 -13.26 1.52
C TYR A 24 -8.88 -13.43 3.03
N LEU A 25 -7.65 -13.49 3.54
CA LEU A 25 -7.44 -13.65 4.98
C LEU A 25 -7.78 -12.34 5.71
N GLY A 1 11.35 10.42 -1.36
CA GLY A 1 11.58 10.17 0.05
C GLY A 1 12.88 10.78 0.53
N TRP A 2 13.07 10.81 1.85
CA TRP A 2 14.29 11.37 2.43
C TRP A 2 14.54 10.77 3.81
N GLY A 3 13.50 10.17 4.39
CA GLY A 3 13.62 9.57 5.70
C GLY A 3 12.27 9.20 6.29
N SER A 4 11.54 10.20 6.77
CA SER A 4 10.22 9.98 7.35
C SER A 4 9.24 9.51 6.29
N PHE A 5 8.07 9.03 6.73
CA PHE A 5 7.05 8.56 5.81
C PHE A 5 6.35 9.73 5.14
N PHE A 6 5.68 9.45 4.01
CA PHE A 6 4.98 10.49 3.26
C PHE A 6 3.92 9.87 2.36
N LYS A 7 2.69 10.38 2.46
CA LYS A 7 1.60 9.86 1.64
C LYS A 7 1.76 10.30 0.19
N LYS A 8 2.30 9.40 -0.63
CA LYS A 8 2.51 9.69 -2.04
C LYS A 8 2.77 8.41 -2.82
N ALA A 9 3.43 7.46 -2.16
CA ALA A 9 3.73 6.18 -2.79
C ALA A 9 4.20 5.17 -1.75
N ALA A 10 3.32 4.24 -1.40
CA ALA A 10 3.66 3.21 -0.40
C ALA A 10 2.68 2.05 -0.49
N HIS A 11 1.45 2.33 -0.90
CA HIS A 11 0.44 1.29 -1.03
C HIS A 11 0.64 0.49 -2.31
N ALA A 12 1.87 0.02 -2.52
CA ALA A 12 2.18 -0.77 -3.70
C ALA A 12 1.20 -1.92 -3.87
N GLY A 13 1.27 -2.59 -5.02
CA GLY A 13 0.38 -3.71 -5.29
C GLY A 13 0.73 -4.92 -4.44
N LYS A 14 0.36 -4.87 -3.17
CA LYS A 14 0.64 -5.98 -2.26
C LYS A 14 -0.16 -5.83 -0.97
N HIS A 15 0.12 -4.78 -0.23
CA HIS A 15 -0.57 -4.53 1.04
C HIS A 15 -1.98 -4.01 0.76
N ALA A 16 -2.24 -3.61 -0.47
CA ALA A 16 -3.54 -3.10 -0.85
C ALA A 16 -3.67 -2.99 -2.36
N GLY A 17 -3.40 -4.10 -3.06
CA GLY A 17 -3.47 -4.13 -4.51
C GLY A 17 -4.90 -4.32 -5.00
N LYS A 18 -5.86 -3.81 -4.23
CA LYS A 18 -7.26 -3.93 -4.60
C LYS A 18 -7.59 -5.38 -4.97
N ALA A 19 -6.91 -6.32 -4.31
CA ALA A 19 -7.13 -7.73 -4.57
C ALA A 19 -6.46 -8.58 -3.50
N ALA A 20 -5.36 -8.09 -2.96
CA ALA A 20 -4.63 -8.80 -1.92
C ALA A 20 -5.36 -8.66 -0.57
N LEU A 21 -5.61 -7.43 -0.17
CA LEU A 21 -6.29 -7.17 1.09
C LEU A 21 -7.77 -7.56 0.98
N THR A 22 -8.47 -6.93 0.04
CA THR A 22 -9.89 -7.23 -0.16
C THR A 22 -10.14 -8.72 -0.25
N HIS A 23 -9.07 -9.49 -0.40
CA HIS A 23 -9.18 -10.94 -0.49
C HIS A 23 -10.04 -11.49 0.65
N TYR A 24 -9.73 -11.06 1.87
CA TYR A 24 -10.47 -11.52 3.04
C TYR A 24 -11.84 -10.84 3.10
N LEU A 25 -12.87 -11.63 3.35
CA LEU A 25 -14.23 -11.10 3.43
C LEU A 25 -14.44 -10.37 4.76
N GLY A 1 8.10 11.94 2.31
CA GLY A 1 7.72 12.70 3.49
C GLY A 1 8.91 13.34 4.17
N TRP A 2 9.31 12.78 5.30
CA TRP A 2 10.45 13.31 6.04
C TRP A 2 10.91 12.29 7.08
N GLY A 3 10.39 11.07 6.99
CA GLY A 3 10.76 10.03 7.92
C GLY A 3 9.97 8.75 7.68
N SER A 4 9.35 8.67 6.51
CA SER A 4 8.56 7.49 6.16
C SER A 4 8.23 7.49 4.67
N PHE A 5 8.67 6.45 3.97
CA PHE A 5 8.40 6.34 2.53
C PHE A 5 8.80 4.97 2.02
N PHE A 6 7.82 4.24 1.49
CA PHE A 6 8.07 2.90 0.96
C PHE A 6 8.58 2.97 -0.48
N LYS A 7 8.53 1.84 -1.17
CA LYS A 7 8.99 1.80 -2.56
C LYS A 7 8.02 2.53 -3.47
N LYS A 8 8.21 2.39 -4.78
CA LYS A 8 7.34 3.04 -5.75
C LYS A 8 5.96 2.41 -5.73
N ALA A 9 5.06 2.97 -4.92
CA ALA A 9 3.70 2.45 -4.83
C ALA A 9 2.78 3.46 -4.15
N ALA A 10 3.17 3.88 -2.94
CA ALA A 10 2.38 4.85 -2.19
C ALA A 10 0.91 4.42 -2.13
N HIS A 11 0.67 3.24 -1.57
CA HIS A 11 -0.68 2.72 -1.45
C HIS A 11 -1.37 2.71 -2.82
N ALA A 12 -0.98 1.77 -3.66
CA ALA A 12 -1.56 1.67 -4.99
C ALA A 12 -3.01 1.22 -4.92
N GLY A 13 -3.31 0.34 -3.97
CA GLY A 13 -4.66 -0.14 -3.80
C GLY A 13 -5.60 0.94 -3.32
N LYS A 14 -6.61 0.54 -2.56
CA LYS A 14 -7.59 1.49 -2.02
C LYS A 14 -7.14 2.03 -0.66
N HIS A 15 -6.69 1.12 0.20
CA HIS A 15 -6.22 1.49 1.53
C HIS A 15 -5.45 0.35 2.16
N ALA A 16 -4.74 -0.41 1.32
CA ALA A 16 -3.96 -1.55 1.80
C ALA A 16 -2.86 -1.90 0.79
N GLY A 17 -3.25 -2.05 -0.47
CA GLY A 17 -2.29 -2.37 -1.51
C GLY A 17 -1.77 -3.79 -1.38
N LYS A 18 -0.79 -3.98 -0.50
CA LYS A 18 -0.20 -5.30 -0.30
C LYS A 18 -1.28 -6.35 -0.10
N ALA A 19 -2.07 -6.19 0.96
CA ALA A 19 -3.14 -7.14 1.25
C ALA A 19 -4.27 -6.99 0.24
N ALA A 20 -4.31 -5.85 -0.44
CA ALA A 20 -5.35 -5.59 -1.43
C ALA A 20 -6.73 -5.80 -0.83
N LEU A 21 -7.38 -4.71 -0.46
CA LEU A 21 -8.71 -4.78 0.13
C LEU A 21 -8.68 -5.60 1.42
N THR A 22 -8.65 -6.93 1.30
CA THR A 22 -8.62 -7.81 2.47
C THR A 22 -8.03 -9.17 2.11
N HIS A 23 -7.23 -9.20 1.05
CA HIS A 23 -6.61 -10.46 0.62
C HIS A 23 -7.68 -11.52 0.39
N TYR A 24 -8.56 -11.28 -0.57
CA TYR A 24 -9.64 -12.21 -0.89
C TYR A 24 -9.15 -13.34 -1.80
N LEU A 25 -7.85 -13.36 -2.06
CA LEU A 25 -7.27 -14.39 -2.93
C LEU A 25 -7.19 -15.72 -2.18
N GLY A 1 11.58 4.51 7.78
CA GLY A 1 12.11 4.36 6.43
C GLY A 1 12.72 5.67 5.93
N TRP A 2 12.58 6.72 6.72
CA TRP A 2 13.11 8.02 6.34
C TRP A 2 12.59 8.45 4.97
N GLY A 3 12.97 9.64 4.54
CA GLY A 3 12.53 10.17 3.26
C GLY A 3 11.10 10.66 3.30
N SER A 4 10.17 9.76 3.57
CA SER A 4 8.76 10.13 3.64
C SER A 4 8.35 10.88 2.38
N PHE A 5 8.02 10.13 1.33
CA PHE A 5 7.61 10.73 0.06
C PHE A 5 6.51 11.76 0.29
N PHE A 6 6.01 12.34 -0.81
CA PHE A 6 4.96 13.34 -0.72
C PHE A 6 4.16 13.39 -2.03
N LYS A 7 4.80 12.97 -3.12
CA LYS A 7 4.14 12.97 -4.42
C LYS A 7 2.93 12.05 -4.41
N LYS A 8 3.15 10.79 -4.75
CA LYS A 8 2.06 9.80 -4.77
C LYS A 8 2.61 8.39 -4.86
N ALA A 9 2.01 7.48 -4.11
CA ALA A 9 2.44 6.08 -4.11
C ALA A 9 1.43 5.22 -3.36
N ALA A 10 1.56 5.18 -2.03
CA ALA A 10 0.66 4.39 -1.20
C ALA A 10 0.74 2.91 -1.56
N HIS A 11 0.85 2.07 -0.55
CA HIS A 11 0.93 0.63 -0.78
C HIS A 11 0.77 -0.13 0.54
N ALA A 12 -0.15 0.34 1.37
CA ALA A 12 -0.41 -0.29 2.66
C ALA A 12 -0.74 -1.77 2.46
N GLY A 13 -0.81 -2.51 3.57
CA GLY A 13 -1.12 -3.93 3.51
C GLY A 13 -0.01 -4.72 2.86
N LYS A 14 -0.38 -5.76 2.12
CA LYS A 14 0.60 -6.60 1.45
C LYS A 14 1.30 -5.84 0.33
N HIS A 15 0.52 -5.05 -0.41
CA HIS A 15 1.07 -4.27 -1.52
C HIS A 15 0.05 -3.26 -2.02
N ALA A 16 -1.16 -3.32 -1.46
CA ALA A 16 -2.22 -2.40 -1.87
C ALA A 16 -3.36 -2.43 -0.86
N GLY A 17 -3.52 -3.56 -0.18
CA GLY A 17 -4.58 -3.71 0.79
C GLY A 17 -5.94 -3.87 0.14
N LYS A 18 -6.47 -2.77 -0.38
CA LYS A 18 -7.78 -2.80 -1.04
C LYS A 18 -7.71 -3.61 -2.33
N ALA A 19 -6.56 -4.22 -2.58
CA ALA A 19 -6.38 -5.02 -3.79
C ALA A 19 -5.12 -5.88 -3.68
N ALA A 20 -5.02 -6.63 -2.58
CA ALA A 20 -3.87 -7.49 -2.37
C ALA A 20 -4.11 -8.42 -1.17
N LEU A 21 -4.67 -7.85 -0.11
CA LEU A 21 -4.95 -8.65 1.09
C LEU A 21 -6.09 -9.62 0.84
N THR A 22 -5.74 -10.82 0.38
CA THR A 22 -6.74 -11.84 0.09
C THR A 22 -7.85 -11.28 -0.80
N HIS A 23 -7.59 -10.12 -1.40
CA HIS A 23 -8.57 -9.48 -2.27
C HIS A 23 -9.91 -9.30 -1.54
N TYR A 24 -10.71 -10.35 -1.52
CA TYR A 24 -12.02 -10.29 -0.85
C TYR A 24 -12.50 -11.70 -0.50
N LEU A 25 -11.69 -12.42 0.27
CA LEU A 25 -12.04 -13.78 0.67
C LEU A 25 -12.38 -14.63 -0.56
N GLY A 1 6.13 10.69 7.85
CA GLY A 1 5.88 10.63 6.43
C GLY A 1 6.47 11.83 5.70
N TRP A 2 6.45 11.78 4.38
CA TRP A 2 6.99 12.87 3.57
C TRP A 2 8.39 13.23 4.03
N GLY A 3 9.15 12.22 4.44
CA GLY A 3 10.52 12.43 4.90
C GLY A 3 11.11 11.17 5.49
N SER A 4 10.58 10.03 5.08
CA SER A 4 11.07 8.74 5.56
C SER A 4 10.53 7.61 4.69
N PHE A 5 9.37 7.08 5.06
CA PHE A 5 8.76 6.00 4.30
C PHE A 5 8.47 6.45 2.88
N PHE A 6 8.50 5.51 1.93
CA PHE A 6 8.23 5.83 0.54
C PHE A 6 8.12 4.56 -0.30
N LYS A 7 9.26 3.98 -0.64
CA LYS A 7 9.27 2.76 -1.44
C LYS A 7 8.46 2.95 -2.72
N LYS A 8 7.50 2.06 -2.95
CA LYS A 8 6.67 2.15 -4.16
C LYS A 8 5.78 3.39 -4.09
N ALA A 9 5.60 4.03 -5.25
CA ALA A 9 4.77 5.22 -5.32
C ALA A 9 3.31 4.87 -5.07
N ALA A 10 2.58 5.78 -4.44
CA ALA A 10 1.17 5.55 -4.13
C ALA A 10 1.00 4.22 -3.40
N HIS A 11 -0.25 3.85 -3.14
CA HIS A 11 -0.54 2.60 -2.43
C HIS A 11 -2.04 2.34 -2.41
N ALA A 12 -2.73 2.78 -3.46
CA ALA A 12 -4.17 2.58 -3.55
C ALA A 12 -4.49 1.12 -3.89
N GLY A 13 -4.42 0.26 -2.89
CA GLY A 13 -4.70 -1.15 -3.09
C GLY A 13 -3.60 -1.84 -3.87
N LYS A 14 -2.52 -2.21 -3.18
CA LYS A 14 -1.40 -2.87 -3.82
C LYS A 14 -0.43 -3.44 -2.78
N HIS A 15 -0.54 -2.93 -1.55
CA HIS A 15 0.33 -3.39 -0.47
C HIS A 15 -0.25 -2.95 0.88
N ALA A 16 -1.22 -2.04 0.84
CA ALA A 16 -1.84 -1.55 2.06
C ALA A 16 -3.10 -0.75 1.73
N GLY A 17 -4.04 -1.38 1.06
CA GLY A 17 -5.29 -0.73 0.68
C GLY A 17 -6.41 -1.72 0.46
N LYS A 18 -6.92 -2.28 1.55
CA LYS A 18 -8.02 -3.25 1.48
C LYS A 18 -7.62 -4.43 0.60
N ALA A 19 -7.71 -4.26 -0.71
CA ALA A 19 -7.37 -5.32 -1.65
C ALA A 19 -6.05 -5.99 -1.25
N ALA A 20 -5.10 -5.20 -0.78
CA ALA A 20 -3.81 -5.73 -0.37
C ALA A 20 -3.96 -6.63 0.85
N LEU A 21 -4.69 -6.15 1.84
CA LEU A 21 -4.91 -6.93 3.06
C LEU A 21 -5.69 -8.20 2.74
N THR A 22 -6.93 -8.03 2.29
CA THR A 22 -7.76 -9.17 1.94
C THR A 22 -7.06 -10.08 0.95
N HIS A 23 -6.71 -9.52 -0.20
CA HIS A 23 -6.02 -10.28 -1.25
C HIS A 23 -6.81 -11.55 -1.57
N TYR A 24 -6.54 -12.63 -0.83
CA TYR A 24 -7.22 -13.90 -1.05
C TYR A 24 -8.74 -13.69 -1.08
N LEU A 25 -9.31 -13.71 -2.28
CA LEU A 25 -10.75 -13.52 -2.43
C LEU A 25 -11.20 -12.26 -1.71
N GLY A 1 13.13 11.25 6.12
CA GLY A 1 14.11 10.81 5.15
C GLY A 1 14.99 11.94 4.67
N TRP A 2 15.48 11.83 3.44
CA TRP A 2 16.34 12.86 2.87
C TRP A 2 15.58 14.18 2.75
N GLY A 3 14.27 14.09 2.60
CA GLY A 3 13.44 15.27 2.47
C GLY A 3 11.97 14.92 2.36
N SER A 4 11.48 14.16 3.33
CA SER A 4 10.07 13.76 3.33
C SER A 4 9.66 13.27 4.72
N PHE A 5 8.37 13.38 5.02
CA PHE A 5 7.85 12.96 6.32
C PHE A 5 7.82 11.44 6.42
N PHE A 6 7.59 10.77 5.29
CA PHE A 6 7.54 9.32 5.28
C PHE A 6 7.56 8.79 3.84
N LYS A 7 7.70 7.48 3.70
CA LYS A 7 7.73 6.85 2.38
C LYS A 7 6.41 7.09 1.65
N LYS A 8 6.48 7.74 0.49
CA LYS A 8 5.29 8.02 -0.30
C LYS A 8 4.56 6.71 -0.63
N ALA A 9 5.32 5.69 -1.02
CA ALA A 9 4.73 4.41 -1.37
C ALA A 9 4.12 3.75 -0.14
N ALA A 10 3.16 2.87 -0.37
CA ALA A 10 2.49 2.17 0.73
C ALA A 10 1.54 1.10 0.18
N HIS A 11 1.66 0.82 -1.12
CA HIS A 11 0.81 -0.17 -1.76
C HIS A 11 0.93 -1.52 -1.05
N ALA A 12 -0.16 -1.93 -0.40
CA ALA A 12 -0.17 -3.21 0.31
C ALA A 12 0.12 -4.36 -0.65
N GLY A 13 -0.51 -4.32 -1.82
CA GLY A 13 -0.31 -5.36 -2.80
C GLY A 13 -0.92 -4.98 -4.15
N LYS A 14 -2.19 -4.61 -4.15
CA LYS A 14 -2.86 -4.23 -5.38
C LYS A 14 -4.19 -3.54 -5.08
N HIS A 15 -4.44 -2.42 -5.75
CA HIS A 15 -5.67 -1.67 -5.54
C HIS A 15 -5.89 -1.42 -4.05
N ALA A 16 -4.84 -1.59 -3.26
CA ALA A 16 -4.92 -1.37 -1.82
C ALA A 16 -6.11 -2.14 -1.23
N GLY A 17 -6.37 -3.33 -1.78
CA GLY A 17 -7.47 -4.15 -1.31
C GLY A 17 -7.08 -4.98 -0.11
N LYS A 18 -6.19 -4.44 0.72
CA LYS A 18 -5.72 -5.14 1.91
C LYS A 18 -5.03 -6.45 1.54
N ALA A 19 -4.97 -6.74 0.24
CA ALA A 19 -4.34 -7.98 -0.24
C ALA A 19 -4.38 -8.02 -1.76
N ALA A 20 -5.60 -8.13 -2.31
CA ALA A 20 -5.77 -8.18 -3.75
C ALA A 20 -7.24 -7.97 -4.11
N LEU A 21 -7.59 -6.76 -4.51
CA LEU A 21 -8.96 -6.45 -4.88
C LEU A 21 -9.91 -6.81 -3.72
N THR A 22 -10.32 -8.07 -3.68
CA THR A 22 -11.21 -8.54 -2.63
C THR A 22 -11.12 -10.07 -2.51
N HIS A 23 -9.90 -10.59 -2.57
CA HIS A 23 -9.68 -12.03 -2.47
C HIS A 23 -9.73 -12.46 -1.00
N TYR A 24 -9.73 -13.77 -0.78
CA TYR A 24 -9.77 -14.31 0.57
C TYR A 24 -10.94 -13.70 1.35
N LEU A 25 -12.12 -14.31 1.22
CA LEU A 25 -13.29 -13.81 1.91
C LEU A 25 -13.23 -14.15 3.40
N GLY A 1 12.40 11.93 12.35
CA GLY A 1 10.99 11.84 12.00
C GLY A 1 10.66 12.66 10.78
N TRP A 2 11.61 12.78 9.86
CA TRP A 2 11.40 13.55 8.65
C TRP A 2 10.11 13.13 7.95
N GLY A 3 9.62 11.95 8.31
CA GLY A 3 8.38 11.44 7.72
C GLY A 3 8.51 11.26 6.22
N SER A 4 9.73 11.30 5.71
CA SER A 4 9.97 11.14 4.28
C SER A 4 9.66 9.71 3.85
N PHE A 5 8.50 9.52 3.22
CA PHE A 5 8.10 8.20 2.77
C PHE A 5 8.98 7.74 1.61
N PHE A 6 9.59 6.57 1.77
CA PHE A 6 10.46 6.03 0.72
C PHE A 6 9.63 5.48 -0.43
N LYS A 7 10.20 5.49 -1.63
CA LYS A 7 9.50 4.99 -2.81
C LYS A 7 9.31 3.48 -2.70
N LYS A 8 8.23 2.99 -3.32
CA LYS A 8 7.95 1.56 -3.30
C LYS A 8 6.93 1.21 -4.38
N ALA A 9 6.02 2.12 -4.65
CA ALA A 9 5.00 1.89 -5.67
C ALA A 9 4.23 0.61 -5.39
N ALA A 10 3.16 0.73 -4.60
CA ALA A 10 2.34 -0.43 -4.26
C ALA A 10 1.01 0.01 -3.67
N HIS A 11 0.14 0.55 -4.51
CA HIS A 11 -1.16 1.02 -4.06
C HIS A 11 -2.04 1.39 -5.25
N ALA A 12 -3.34 1.13 -5.13
CA ALA A 12 -4.27 1.44 -6.20
C ALA A 12 -5.72 1.22 -5.74
N GLY A 13 -5.92 0.15 -4.99
CA GLY A 13 -7.25 -0.18 -4.50
C GLY A 13 -7.74 0.84 -3.47
N LYS A 14 -7.29 0.69 -2.23
CA LYS A 14 -7.69 1.60 -1.16
C LYS A 14 -6.58 1.72 -0.11
N HIS A 15 -5.90 0.60 0.14
CA HIS A 15 -4.82 0.59 1.11
C HIS A 15 -4.00 -0.70 1.00
N ALA A 16 -3.87 -1.20 -0.22
CA ALA A 16 -3.11 -2.43 -0.45
C ALA A 16 -2.96 -2.70 -1.95
N GLY A 17 -4.07 -2.58 -2.68
CA GLY A 17 -4.06 -2.81 -4.12
C GLY A 17 -4.06 -4.29 -4.45
N LYS A 18 -3.34 -5.07 -3.66
CA LYS A 18 -3.27 -6.52 -3.90
C LYS A 18 -4.68 -7.11 -4.04
N ALA A 19 -5.57 -6.70 -3.14
CA ALA A 19 -6.94 -7.20 -3.18
C ALA A 19 -7.80 -6.45 -2.15
N ALA A 20 -7.76 -5.13 -2.21
CA ALA A 20 -8.54 -4.32 -1.28
C ALA A 20 -8.26 -4.72 0.15
N LEU A 21 -7.29 -4.05 0.79
CA LEU A 21 -6.93 -4.36 2.17
C LEU A 21 -6.62 -5.85 2.31
N THR A 22 -6.12 -6.45 1.24
CA THR A 22 -5.78 -7.87 1.25
C THR A 22 -6.99 -8.70 1.69
N HIS A 23 -7.71 -9.24 0.70
CA HIS A 23 -8.88 -10.05 1.00
C HIS A 23 -8.51 -11.23 1.89
N TYR A 24 -7.86 -12.23 1.30
CA TYR A 24 -7.44 -13.40 2.06
C TYR A 24 -6.45 -14.24 1.24
N LEU A 25 -5.27 -14.49 1.81
CA LEU A 25 -4.25 -15.27 1.13
C LEU A 25 -4.65 -16.75 1.09
N GLY A 1 14.12 12.54 5.01
CA GLY A 1 13.47 13.82 4.79
C GLY A 1 13.02 13.99 3.35
N TRP A 2 12.58 12.90 2.74
CA TRP A 2 12.13 12.96 1.36
C TRP A 2 11.45 11.64 0.97
N GLY A 3 11.51 10.66 1.86
CA GLY A 3 10.90 9.37 1.59
C GLY A 3 10.88 8.49 2.83
N SER A 4 11.39 9.01 3.94
CA SER A 4 11.42 8.25 5.18
C SER A 4 10.00 8.05 5.72
N PHE A 5 9.44 6.88 5.47
CA PHE A 5 8.09 6.58 5.93
C PHE A 5 7.11 7.67 5.50
N PHE A 6 5.84 7.49 5.82
CA PHE A 6 4.82 8.47 5.46
C PHE A 6 4.87 8.76 3.96
N LYS A 7 3.97 9.63 3.50
CA LYS A 7 3.93 10.00 2.09
C LYS A 7 3.76 8.75 1.22
N LYS A 8 3.82 8.94 -0.09
CA LYS A 8 3.67 7.83 -1.02
C LYS A 8 4.76 6.79 -0.81
N ALA A 9 4.57 5.60 -1.38
CA ALA A 9 5.55 4.52 -1.24
C ALA A 9 5.22 3.38 -2.19
N ALA A 10 4.12 2.67 -1.91
CA ALA A 10 3.71 1.56 -2.75
C ALA A 10 2.27 1.16 -2.43
N HIS A 11 1.81 1.51 -1.23
CA HIS A 11 0.45 1.18 -0.82
C HIS A 11 -0.56 1.84 -1.75
N ALA A 12 -1.06 1.08 -2.70
CA ALA A 12 -2.04 1.61 -3.65
C ALA A 12 -2.68 0.48 -4.45
N GLY A 13 -3.65 -0.20 -3.84
CA GLY A 13 -4.34 -1.29 -4.50
C GLY A 13 -3.38 -2.32 -5.04
N LYS A 14 -2.60 -2.94 -4.16
CA LYS A 14 -1.64 -3.95 -4.57
C LYS A 14 -1.04 -4.64 -3.36
N HIS A 15 -0.08 -3.97 -2.72
CA HIS A 15 0.57 -4.52 -1.54
C HIS A 15 -0.32 -4.35 -0.30
N ALA A 16 -1.34 -3.51 -0.44
CA ALA A 16 -2.26 -3.26 0.68
C ALA A 16 -3.03 -4.53 1.03
N GLY A 17 -3.42 -5.28 0.00
CA GLY A 17 -4.17 -6.51 0.21
C GLY A 17 -4.18 -7.38 -1.03
N LYS A 18 -3.02 -7.49 -1.68
CA LYS A 18 -2.91 -8.31 -2.88
C LYS A 18 -3.90 -7.85 -3.95
N ALA A 19 -3.80 -6.59 -4.33
CA ALA A 19 -4.69 -6.04 -5.35
C ALA A 19 -6.15 -6.33 -5.00
N ALA A 20 -6.58 -5.83 -3.84
CA ALA A 20 -7.96 -6.04 -3.40
C ALA A 20 -8.25 -5.21 -2.15
N LEU A 21 -7.22 -4.96 -1.37
CA LEU A 21 -7.37 -4.16 -0.14
C LEU A 21 -8.13 -4.96 0.91
N THR A 22 -9.43 -5.13 0.69
CA THR A 22 -10.27 -5.87 1.63
C THR A 22 -9.72 -7.28 1.84
N HIS A 23 -8.91 -7.75 0.89
CA HIS A 23 -8.32 -9.08 1.00
C HIS A 23 -9.41 -10.11 1.27
N TYR A 24 -10.24 -10.38 0.25
CA TYR A 24 -11.32 -11.35 0.38
C TYR A 24 -10.78 -12.69 0.88
N LEU A 25 -11.69 -13.61 1.17
CA LEU A 25 -11.30 -14.93 1.65
C LEU A 25 -12.46 -15.91 1.49
N GLY A 1 9.33 13.63 9.42
CA GLY A 1 9.01 14.37 8.22
C GLY A 1 9.81 13.89 7.02
N TRP A 2 10.45 14.82 6.33
CA TRP A 2 11.26 14.47 5.16
C TRP A 2 12.47 13.66 5.57
N GLY A 3 12.98 13.91 6.77
CA GLY A 3 14.15 13.19 7.27
C GLY A 3 13.97 11.70 7.14
N SER A 4 12.95 11.16 7.80
CA SER A 4 12.69 9.73 7.76
C SER A 4 12.09 9.33 6.40
N PHE A 5 12.93 9.35 5.36
CA PHE A 5 12.47 9.00 4.04
C PHE A 5 11.80 7.62 4.04
N PHE A 6 10.48 7.62 4.08
CA PHE A 6 9.72 6.36 4.10
C PHE A 6 9.74 5.72 2.72
N LYS A 7 9.27 6.45 1.72
CA LYS A 7 9.24 5.93 0.36
C LYS A 7 8.56 4.57 0.32
N LYS A 8 7.28 4.55 0.68
CA LYS A 8 6.51 3.30 0.70
C LYS A 8 5.02 3.60 0.71
N ALA A 9 4.40 3.57 -0.46
CA ALA A 9 2.97 3.84 -0.58
C ALA A 9 2.48 3.50 -1.98
N ALA A 10 1.45 2.66 -2.06
CA ALA A 10 0.89 2.27 -3.35
C ALA A 10 -0.47 1.60 -3.18
N HIS A 11 -1.10 1.28 -4.29
CA HIS A 11 -2.41 0.64 -4.27
C HIS A 11 -2.82 0.19 -5.67
N ALA A 12 -1.88 -0.44 -6.37
CA ALA A 12 -2.15 -0.91 -7.72
C ALA A 12 -3.20 -2.02 -7.70
N GLY A 13 -4.46 -1.64 -7.54
CA GLY A 13 -5.54 -2.60 -7.51
C GLY A 13 -6.87 -1.94 -7.20
N LYS A 14 -7.14 -1.75 -5.91
CA LYS A 14 -8.39 -1.13 -5.48
C LYS A 14 -8.35 -0.82 -3.99
N HIS A 15 -8.34 -1.86 -3.17
CA HIS A 15 -8.30 -1.68 -1.72
C HIS A 15 -6.96 -1.11 -1.29
N ALA A 16 -5.89 -1.84 -1.56
CA ALA A 16 -4.55 -1.38 -1.19
C ALA A 16 -3.49 -2.20 -1.93
N GLY A 17 -3.95 -3.25 -2.62
CA GLY A 17 -3.04 -4.11 -3.36
C GLY A 17 -3.78 -5.25 -4.04
N LYS A 18 -4.84 -4.90 -4.77
CA LYS A 18 -5.63 -5.90 -5.47
C LYS A 18 -6.18 -6.94 -4.49
N ALA A 19 -7.49 -6.90 -4.27
CA ALA A 19 -8.12 -7.83 -3.34
C ALA A 19 -7.44 -7.79 -1.98
N ALA A 20 -7.02 -6.59 -1.58
CA ALA A 20 -6.36 -6.42 -0.30
C ALA A 20 -5.20 -7.40 -0.16
N LEU A 21 -4.23 -7.28 -1.06
CA LEU A 21 -3.07 -8.16 -1.03
C LEU A 21 -3.51 -9.62 -1.07
N THR A 22 -4.51 -9.91 -1.89
CA THR A 22 -5.02 -11.27 -2.00
C THR A 22 -5.37 -11.83 -0.63
N HIS A 23 -6.26 -11.15 0.08
CA HIS A 23 -6.68 -11.58 1.41
C HIS A 23 -8.02 -10.94 1.78
N TYR A 24 -8.93 -11.77 2.28
CA TYR A 24 -10.26 -11.29 2.67
C TYR A 24 -10.17 -10.47 3.96
N LEU A 25 -10.27 -9.15 3.82
CA LEU A 25 -10.21 -8.26 4.99
C LEU A 25 -8.98 -8.60 5.84
N GLY A 1 7.72 7.81 7.66
CA GLY A 1 6.55 8.66 7.82
C GLY A 1 5.28 7.95 7.41
N TRP A 2 4.14 8.60 7.63
CA TRP A 2 2.85 8.02 7.29
C TRP A 2 2.69 7.97 5.76
N GLY A 3 1.73 7.17 5.31
CA GLY A 3 1.48 7.04 3.88
C GLY A 3 2.54 6.21 3.18
N SER A 4 3.70 6.10 3.82
CA SER A 4 4.80 5.32 3.25
C SER A 4 5.13 5.81 1.85
N PHE A 5 5.69 7.01 1.76
CA PHE A 5 6.05 7.59 0.47
C PHE A 5 7.27 6.89 -0.10
N PHE A 6 8.43 7.10 0.53
CA PHE A 6 9.67 6.48 0.09
C PHE A 6 9.95 6.83 -1.37
N LYS A 7 11.12 6.44 -1.85
CA LYS A 7 11.51 6.71 -3.23
C LYS A 7 10.62 5.94 -4.20
N LYS A 8 10.04 6.65 -5.17
CA LYS A 8 9.18 6.02 -6.16
C LYS A 8 8.00 5.32 -5.47
N ALA A 9 6.91 5.13 -6.22
CA ALA A 9 5.73 4.48 -5.68
C ALA A 9 5.19 5.24 -4.47
N ALA A 10 4.01 4.87 -4.02
CA ALA A 10 3.39 5.53 -2.87
C ALA A 10 2.26 4.68 -2.31
N HIS A 11 1.26 4.40 -3.15
CA HIS A 11 0.12 3.59 -2.71
C HIS A 11 0.47 2.12 -2.72
N ALA A 12 0.87 1.60 -3.88
CA ALA A 12 1.24 0.19 -4.00
C ALA A 12 0.10 -0.70 -3.49
N GLY A 13 0.22 -2.00 -3.77
CA GLY A 13 -0.80 -2.94 -3.35
C GLY A 13 -0.72 -3.23 -1.86
N LYS A 14 -1.49 -2.48 -1.08
CA LYS A 14 -1.49 -2.65 0.37
C LYS A 14 -2.60 -1.82 1.01
N HIS A 15 -2.35 -0.53 1.16
CA HIS A 15 -3.33 0.38 1.76
C HIS A 15 -4.45 0.67 0.77
N ALA A 16 -4.15 0.51 -0.52
CA ALA A 16 -5.14 0.76 -1.56
C ALA A 16 -6.41 -0.03 -1.28
N GLY A 17 -6.28 -1.36 -1.25
CA GLY A 17 -7.42 -2.23 -1.00
C GLY A 17 -7.71 -2.38 0.48
N LYS A 18 -7.26 -1.40 1.27
CA LYS A 18 -7.47 -1.43 2.71
C LYS A 18 -6.90 -2.72 3.30
N ALA A 19 -6.18 -3.48 2.48
CA ALA A 19 -5.59 -4.74 2.93
C ALA A 19 -4.50 -5.19 1.97
N ALA A 20 -4.91 -5.80 0.86
CA ALA A 20 -3.96 -6.28 -0.14
C ALA A 20 -4.69 -6.67 -1.42
N LEU A 21 -5.62 -5.82 -1.85
CA LEU A 21 -6.38 -6.08 -3.07
C LEU A 21 -7.16 -7.39 -2.95
N THR A 22 -6.47 -8.53 -3.10
CA THR A 22 -7.12 -9.83 -3.01
C THR A 22 -7.19 -10.29 -1.56
N HIS A 23 -7.13 -9.34 -0.63
CA HIS A 23 -7.19 -9.66 0.79
C HIS A 23 -6.19 -10.77 1.14
N TYR A 24 -4.97 -10.64 0.62
CA TYR A 24 -3.94 -11.62 0.87
C TYR A 24 -3.54 -11.62 2.34
N LEU A 25 -3.94 -12.66 3.06
CA LEU A 25 -3.62 -12.77 4.48
C LEU A 25 -2.15 -13.13 4.67
N GLY A 1 12.32 13.47 10.88
CA GLY A 1 13.19 12.35 10.59
C GLY A 1 13.94 12.53 9.29
N TRP A 2 14.28 13.77 8.97
CA TRP A 2 15.00 14.07 7.75
C TRP A 2 14.25 13.52 6.53
N GLY A 3 14.93 12.72 5.72
CA GLY A 3 14.30 12.15 4.54
C GLY A 3 13.31 11.06 4.91
N SER A 4 12.16 11.47 5.44
CA SER A 4 11.12 10.51 5.83
C SER A 4 10.55 9.82 4.60
N PHE A 5 10.21 8.54 4.76
CA PHE A 5 9.66 7.77 3.65
C PHE A 5 8.27 8.30 3.28
N PHE A 6 7.97 8.28 1.99
CA PHE A 6 6.68 8.76 1.50
C PHE A 6 5.54 8.05 2.22
N LYS A 7 5.79 6.82 2.65
CA LYS A 7 4.78 6.03 3.35
C LYS A 7 3.61 5.72 2.43
N LYS A 8 3.66 6.23 1.20
CA LYS A 8 2.60 6.00 0.23
C LYS A 8 2.97 6.62 -1.12
N ALA A 9 2.70 5.89 -2.19
CA ALA A 9 3.02 6.39 -3.53
C ALA A 9 2.40 5.48 -4.60
N ALA A 10 2.17 4.23 -4.24
CA ALA A 10 1.60 3.27 -5.17
C ALA A 10 1.13 2.01 -4.45
N HIS A 11 -0.17 1.75 -4.49
CA HIS A 11 -0.73 0.58 -3.83
C HIS A 11 -2.16 0.31 -4.31
N ALA A 12 -2.63 1.16 -5.22
CA ALA A 12 -3.98 1.01 -5.76
C ALA A 12 -4.15 -0.38 -6.35
N GLY A 13 -3.05 -1.12 -6.46
CA GLY A 13 -3.09 -2.45 -7.01
C GLY A 13 -1.73 -3.13 -6.92
N LYS A 14 -1.35 -3.51 -5.69
CA LYS A 14 -0.06 -4.17 -5.48
C LYS A 14 0.01 -4.77 -4.09
N HIS A 15 -0.55 -5.97 -3.93
CA HIS A 15 -0.55 -6.64 -2.64
C HIS A 15 -1.07 -5.71 -1.54
N ALA A 16 -1.92 -4.77 -1.93
CA ALA A 16 -2.48 -3.83 -0.96
C ALA A 16 -3.59 -3.00 -1.60
N GLY A 17 -4.10 -3.49 -2.73
CA GLY A 17 -5.17 -2.78 -3.44
C GLY A 17 -6.52 -3.02 -2.79
N LYS A 18 -6.53 -3.17 -1.47
CA LYS A 18 -7.77 -3.41 -0.74
C LYS A 18 -8.57 -4.53 -1.40
N ALA A 19 -7.90 -5.32 -2.22
CA ALA A 19 -8.55 -6.42 -2.92
C ALA A 19 -7.51 -7.38 -3.48
N ALA A 20 -6.34 -6.84 -3.84
CA ALA A 20 -5.26 -7.66 -4.38
C ALA A 20 -4.83 -8.72 -3.37
N LEU A 21 -4.59 -8.28 -2.14
CA LEU A 21 -4.17 -9.20 -1.08
C LEU A 21 -5.35 -10.01 -0.58
N THR A 22 -6.43 -10.05 -1.37
CA THR A 22 -7.62 -10.80 -1.01
C THR A 22 -8.10 -10.39 0.38
N HIS A 23 -9.00 -9.41 0.42
CA HIS A 23 -9.54 -8.93 1.69
C HIS A 23 -10.58 -9.91 2.24
N TYR A 24 -10.31 -11.20 2.05
CA TYR A 24 -11.23 -12.22 2.52
C TYR A 24 -11.48 -12.08 4.01
N LEU A 25 -10.72 -11.18 4.65
CA LEU A 25 -10.88 -10.94 6.08
C LEU A 25 -12.25 -10.33 6.37
N GLY A 1 14.44 14.73 9.97
CA GLY A 1 15.75 15.35 10.13
C GLY A 1 16.11 16.21 8.93
N TRP A 2 15.93 15.65 7.73
CA TRP A 2 16.26 16.38 6.51
C TRP A 2 15.63 15.70 5.30
N GLY A 3 16.11 14.49 4.99
CA GLY A 3 15.60 13.74 3.87
C GLY A 3 14.09 13.62 3.91
N SER A 4 13.57 13.12 5.02
CA SER A 4 12.13 12.95 5.17
C SER A 4 11.53 12.22 3.97
N PHE A 5 11.75 10.92 3.91
CA PHE A 5 11.23 10.11 2.81
C PHE A 5 9.72 10.25 2.71
N PHE A 6 9.25 10.78 1.58
CA PHE A 6 7.83 10.96 1.37
C PHE A 6 7.06 9.67 1.62
N LYS A 7 5.89 9.78 2.24
CA LYS A 7 5.06 8.61 2.54
C LYS A 7 4.59 7.96 1.24
N LYS A 8 4.72 8.68 0.14
CA LYS A 8 4.29 8.16 -1.16
C LYS A 8 5.04 6.86 -1.49
N ALA A 9 4.29 5.78 -1.71
CA ALA A 9 4.90 4.50 -2.02
C ALA A 9 3.86 3.54 -2.59
N ALA A 10 4.26 2.30 -2.82
CA ALA A 10 3.36 1.30 -3.37
C ALA A 10 2.29 0.91 -2.34
N HIS A 11 1.14 0.46 -2.82
CA HIS A 11 0.06 0.07 -1.93
C HIS A 11 -1.03 -0.68 -2.70
N ALA A 12 -1.07 -0.45 -4.01
CA ALA A 12 -2.06 -1.10 -4.87
C ALA A 12 -1.66 -2.54 -5.17
N GLY A 13 -1.43 -3.32 -4.11
CA GLY A 13 -1.03 -4.70 -4.27
C GLY A 13 -0.74 -5.37 -2.95
N LYS A 14 -1.48 -4.97 -1.91
CA LYS A 14 -1.28 -5.54 -0.58
C LYS A 14 -2.39 -5.10 0.35
N HIS A 15 -2.31 -3.84 0.80
CA HIS A 15 -3.32 -3.30 1.70
C HIS A 15 -4.63 -3.04 0.94
N ALA A 16 -4.56 -3.13 -0.38
CA ALA A 16 -5.74 -2.91 -1.21
C ALA A 16 -5.49 -3.39 -2.63
N GLY A 17 -5.18 -4.68 -2.77
CA GLY A 17 -4.92 -5.27 -4.07
C GLY A 17 -6.19 -5.47 -4.87
N LYS A 18 -7.24 -4.75 -4.49
CA LYS A 18 -8.52 -4.86 -5.20
C LYS A 18 -8.95 -6.32 -5.28
N ALA A 19 -8.28 -7.18 -4.53
CA ALA A 19 -8.59 -8.60 -4.53
C ALA A 19 -7.88 -9.31 -3.38
N ALA A 20 -6.90 -8.64 -2.78
CA ALA A 20 -6.16 -9.21 -1.67
C ALA A 20 -7.03 -9.24 -0.41
N LEU A 21 -6.85 -8.25 0.46
CA LEU A 21 -7.62 -8.17 1.69
C LEU A 21 -8.99 -7.53 1.43
N THR A 22 -9.79 -8.20 0.60
CA THR A 22 -11.12 -7.69 0.26
C THR A 22 -11.97 -8.79 -0.34
N HIS A 23 -11.33 -9.89 -0.76
CA HIS A 23 -12.03 -11.03 -1.35
C HIS A 23 -11.36 -12.33 -0.95
N TYR A 24 -10.90 -12.40 0.29
CA TYR A 24 -10.23 -13.60 0.79
C TYR A 24 -11.12 -14.83 0.59
N LEU A 25 -12.39 -14.59 0.32
CA LEU A 25 -13.34 -15.69 0.11
C LEU A 25 -13.09 -16.34 -1.25
N GLY A 1 12.10 10.97 8.90
CA GLY A 1 13.46 10.73 8.48
C GLY A 1 13.60 9.41 7.74
N TRP A 2 12.49 8.92 7.21
CA TRP A 2 12.50 7.65 6.47
C TRP A 2 11.21 7.49 5.66
N GLY A 3 11.20 8.09 4.47
CA GLY A 3 10.03 8.01 3.61
C GLY A 3 10.13 8.96 2.44
N SER A 4 11.33 9.46 2.20
CA SER A 4 11.55 10.39 1.09
C SER A 4 10.54 11.54 1.16
N PHE A 5 10.07 11.98 0.00
CA PHE A 5 9.11 13.08 -0.05
C PHE A 5 7.85 12.71 0.73
N PHE A 6 6.74 13.37 0.41
CA PHE A 6 5.49 13.10 1.09
C PHE A 6 5.01 11.68 0.81
N LYS A 7 5.44 11.13 -0.32
CA LYS A 7 5.07 9.78 -0.71
C LYS A 7 5.86 9.34 -1.93
N LYS A 8 5.67 8.08 -2.32
CA LYS A 8 6.38 7.55 -3.48
C LYS A 8 5.81 6.18 -3.87
N ALA A 9 5.07 5.57 -2.94
CA ALA A 9 4.46 4.27 -3.21
C ALA A 9 3.41 3.95 -2.16
N ALA A 10 3.83 3.85 -0.91
CA ALA A 10 2.91 3.55 0.19
C ALA A 10 2.07 2.33 -0.15
N HIS A 11 0.93 2.18 0.54
CA HIS A 11 0.04 1.06 0.31
C HIS A 11 -1.38 1.39 0.78
N ALA A 12 -1.58 1.38 2.09
CA ALA A 12 -2.89 1.68 2.65
C ALA A 12 -3.97 0.81 2.01
N GLY A 13 -3.70 -0.48 1.93
CA GLY A 13 -4.65 -1.41 1.34
C GLY A 13 -5.11 -0.96 -0.03
N LYS A 14 -4.33 -1.30 -1.05
CA LYS A 14 -4.66 -0.92 -2.41
C LYS A 14 -3.75 -1.64 -3.41
N HIS A 15 -2.55 -1.09 -3.59
CA HIS A 15 -1.59 -1.68 -4.51
C HIS A 15 -0.99 -2.95 -3.91
N ALA A 16 -1.28 -3.19 -2.64
CA ALA A 16 -0.76 -4.38 -1.95
C ALA A 16 -1.45 -5.63 -2.47
N GLY A 17 -2.78 -5.61 -2.46
CA GLY A 17 -3.55 -6.76 -2.92
C GLY A 17 -3.61 -7.86 -1.89
N LYS A 18 -2.58 -7.93 -1.04
CA LYS A 18 -2.52 -8.96 -0.01
C LYS A 18 -3.75 -8.86 0.90
N ALA A 19 -4.44 -7.72 0.83
CA ALA A 19 -5.62 -7.51 1.66
C ALA A 19 -6.39 -6.29 1.18
N ALA A 20 -6.85 -6.32 -0.07
CA ALA A 20 -7.59 -5.20 -0.64
C ALA A 20 -8.18 -5.57 -1.99
N LEU A 21 -7.31 -5.91 -2.93
CA LEU A 21 -7.75 -6.28 -4.27
C LEU A 21 -8.52 -7.61 -4.24
N THR A 22 -9.78 -7.55 -3.84
CA THR A 22 -10.62 -8.75 -3.76
C THR A 22 -9.87 -9.90 -3.09
N HIS A 23 -9.45 -9.68 -1.85
CA HIS A 23 -8.72 -10.71 -1.10
C HIS A 23 -9.70 -11.73 -0.52
N TYR A 24 -9.76 -12.91 -1.14
CA TYR A 24 -10.67 -13.96 -0.67
C TYR A 24 -10.38 -14.29 0.79
N LEU A 25 -9.10 -14.38 1.13
CA LEU A 25 -8.71 -14.69 2.51
C LEU A 25 -9.02 -13.52 3.43
N GLY A 1 6.64 4.54 7.88
CA GLY A 1 6.73 3.49 8.88
C GLY A 1 5.94 2.26 8.47
N TRP A 2 4.66 2.45 8.18
CA TRP A 2 3.79 1.34 7.78
C TRP A 2 4.15 0.88 6.37
N GLY A 3 3.63 1.59 5.37
CA GLY A 3 3.89 1.25 3.99
C GLY A 3 3.19 2.18 3.03
N SER A 4 3.37 3.49 3.23
CA SER A 4 2.74 4.48 2.38
C SER A 4 3.38 5.86 2.57
N PHE A 5 4.56 5.86 3.18
CA PHE A 5 5.28 7.11 3.43
C PHE A 5 5.95 7.60 2.15
N PHE A 6 5.89 6.79 1.10
CA PHE A 6 6.49 7.15 -0.17
C PHE A 6 5.81 8.39 -0.76
N LYS A 7 6.57 9.17 -1.53
CA LYS A 7 6.02 10.37 -2.14
C LYS A 7 5.11 10.02 -3.31
N LYS A 8 5.25 8.80 -3.81
CA LYS A 8 4.43 8.35 -4.93
C LYS A 8 2.95 8.33 -4.55
N ALA A 9 2.25 9.41 -4.89
CA ALA A 9 0.83 9.51 -4.57
C ALA A 9 0.01 8.67 -5.55
N ALA A 10 0.20 7.35 -5.49
CA ALA A 10 -0.53 6.45 -6.37
C ALA A 10 -0.31 5.00 -5.94
N HIS A 11 -1.12 4.10 -6.50
CA HIS A 11 -1.01 2.68 -6.17
C HIS A 11 0.25 2.08 -6.78
N ALA A 12 0.54 0.83 -6.41
CA ALA A 12 1.71 0.15 -6.93
C ALA A 12 1.70 -1.32 -6.53
N GLY A 13 0.64 -1.73 -5.83
CA GLY A 13 0.52 -3.10 -5.40
C GLY A 13 1.46 -3.41 -4.24
N LYS A 14 1.16 -4.48 -3.52
CA LYS A 14 1.99 -4.89 -2.39
C LYS A 14 2.10 -3.76 -1.37
N HIS A 15 1.25 -2.75 -1.54
CA HIS A 15 1.23 -1.60 -0.63
C HIS A 15 -0.12 -0.91 -0.69
N ALA A 16 -0.84 -1.10 -1.79
CA ALA A 16 -2.15 -0.48 -1.96
C ALA A 16 -2.88 -1.13 -3.14
N GLY A 17 -2.63 -2.41 -3.36
CA GLY A 17 -3.25 -3.13 -4.45
C GLY A 17 -4.70 -3.45 -4.16
N LYS A 18 -5.37 -2.54 -3.45
CA LYS A 18 -6.77 -2.76 -3.10
C LYS A 18 -6.96 -4.13 -2.47
N ALA A 19 -5.88 -4.66 -1.90
CA ALA A 19 -5.92 -5.97 -1.26
C ALA A 19 -4.70 -6.16 -0.38
N ALA A 20 -3.55 -5.68 -0.85
CA ALA A 20 -2.31 -5.81 -0.10
C ALA A 20 -2.40 -5.02 1.21
N LEU A 21 -2.95 -3.81 1.13
CA LEU A 21 -3.09 -2.96 2.31
C LEU A 21 -3.72 -3.75 3.46
N THR A 22 -5.00 -4.04 3.35
CA THR A 22 -5.70 -4.78 4.39
C THR A 22 -4.98 -6.09 4.69
N HIS A 23 -4.19 -6.56 3.72
CA HIS A 23 -3.45 -7.80 3.89
C HIS A 23 -4.39 -8.94 4.31
N TYR A 24 -3.93 -9.79 5.23
CA TYR A 24 -4.74 -10.90 5.70
C TYR A 24 -5.74 -10.43 6.75
N LEU A 25 -5.46 -9.28 7.35
CA LEU A 25 -6.34 -8.72 8.38
C LEU A 25 -7.62 -8.16 7.74
N GLY A 1 14.34 8.39 3.58
CA GLY A 1 14.83 7.12 4.10
C GLY A 1 13.86 6.51 5.09
N TRP A 2 12.98 7.34 5.65
CA TRP A 2 12.00 6.86 6.62
C TRP A 2 10.96 5.98 5.94
N GLY A 3 10.78 6.17 4.64
CA GLY A 3 9.83 5.39 3.88
C GLY A 3 8.40 5.63 4.35
N SER A 4 8.04 6.90 4.52
CA SER A 4 6.71 7.26 4.98
C SER A 4 6.44 8.74 4.75
N PHE A 5 7.46 9.47 4.33
CA PHE A 5 7.33 10.91 4.08
C PHE A 5 6.24 11.15 3.05
N PHE A 6 6.09 10.23 2.11
CA PHE A 6 5.08 10.36 1.06
C PHE A 6 3.68 10.42 1.67
N LYS A 7 2.66 10.48 0.81
CA LYS A 7 1.29 10.54 1.27
C LYS A 7 0.92 9.26 2.02
N LYS A 8 -0.37 9.11 2.33
CA LYS A 8 -0.84 7.93 3.05
C LYS A 8 -0.66 6.68 2.19
N ALA A 9 -0.34 5.56 2.85
CA ALA A 9 -0.14 4.32 2.14
C ALA A 9 0.85 4.49 1.00
N ALA A 10 1.01 3.44 0.18
CA ALA A 10 1.92 3.49 -0.94
C ALA A 10 1.76 2.24 -1.81
N HIS A 11 0.61 1.59 -1.69
CA HIS A 11 0.33 0.39 -2.46
C HIS A 11 0.61 0.61 -3.94
N ALA A 12 1.49 -0.21 -4.50
CA ALA A 12 1.84 -0.09 -5.91
C ALA A 12 0.75 -0.72 -6.78
N GLY A 13 0.53 -2.02 -6.60
CA GLY A 13 -0.47 -2.73 -7.36
C GLY A 13 -0.25 -4.24 -7.32
N LYS A 14 -0.34 -4.82 -6.13
CA LYS A 14 -0.15 -6.26 -5.99
C LYS A 14 -0.52 -6.71 -4.58
N HIS A 15 0.42 -6.59 -3.65
CA HIS A 15 0.19 -7.01 -2.27
C HIS A 15 -0.90 -6.15 -1.62
N ALA A 16 -1.32 -5.10 -2.32
CA ALA A 16 -2.36 -4.20 -1.79
C ALA A 16 -3.08 -3.48 -2.93
N GLY A 17 -3.47 -4.25 -3.95
CA GLY A 17 -4.16 -3.67 -5.09
C GLY A 17 -4.84 -4.73 -5.94
N LYS A 18 -4.47 -5.99 -5.70
CA LYS A 18 -5.05 -7.11 -6.44
C LYS A 18 -5.11 -8.35 -5.56
N ALA A 19 -4.07 -8.56 -4.76
CA ALA A 19 -4.02 -9.71 -3.86
C ALA A 19 -5.02 -9.55 -2.73
N ALA A 20 -5.46 -8.31 -2.51
CA ALA A 20 -6.43 -8.03 -1.45
C ALA A 20 -6.94 -6.60 -1.58
N LEU A 21 -6.72 -5.99 -2.73
CA LEU A 21 -7.17 -4.62 -2.98
C LEU A 21 -6.52 -3.65 -1.98
N THR A 22 -7.01 -3.65 -0.74
CA THR A 22 -6.48 -2.77 0.30
C THR A 22 -6.44 -3.50 1.64
N HIS A 23 -6.28 -4.82 1.58
CA HIS A 23 -6.23 -5.63 2.80
C HIS A 23 -7.45 -5.38 3.66
N TYR A 24 -8.40 -6.33 3.63
CA TYR A 24 -9.61 -6.21 4.42
C TYR A 24 -9.27 -5.96 5.89
N LEU A 25 -8.66 -6.95 6.52
CA LEU A 25 -8.28 -6.83 7.92
C LEU A 25 -7.32 -7.96 8.30
N GLY A 1 13.75 17.77 2.15
CA GLY A 1 14.80 16.78 2.21
C GLY A 1 14.67 15.89 3.43
N TRP A 2 15.45 16.20 4.46
CA TRP A 2 15.42 15.41 5.69
C TRP A 2 14.00 15.35 6.25
N GLY A 3 13.12 16.19 5.71
CA GLY A 3 11.74 16.22 6.16
C GLY A 3 10.92 15.07 5.60
N SER A 4 11.28 14.63 4.40
CA SER A 4 10.58 13.52 3.77
C SER A 4 10.75 12.24 4.57
N PHE A 5 10.72 11.10 3.87
CA PHE A 5 10.88 9.80 4.51
C PHE A 5 11.36 8.76 3.50
N PHE A 6 12.11 7.78 3.98
CA PHE A 6 12.63 6.73 3.11
C PHE A 6 11.49 5.91 2.51
N LYS A 7 10.54 5.52 3.36
CA LYS A 7 9.41 4.72 2.91
C LYS A 7 8.57 5.51 1.90
N LYS A 8 7.70 4.80 1.19
CA LYS A 8 6.84 5.45 0.20
C LYS A 8 5.76 4.48 -0.29
N ALA A 9 6.08 3.19 -0.26
CA ALA A 9 5.14 2.17 -0.70
C ALA A 9 3.99 2.04 0.30
N ALA A 10 2.82 1.66 -0.20
CA ALA A 10 1.64 1.50 0.66
C ALA A 10 0.56 0.70 -0.05
N HIS A 11 -0.62 0.63 0.56
CA HIS A 11 -1.73 -0.11 -0.02
C HIS A 11 -2.00 0.35 -1.44
N ALA A 12 -1.58 -0.45 -2.42
CA ALA A 12 -1.78 -0.11 -3.82
C ALA A 12 -3.22 -0.40 -4.23
N GLY A 13 -3.69 -1.60 -3.94
CA GLY A 13 -5.05 -1.99 -4.28
C GLY A 13 -6.07 -1.11 -3.58
N LYS A 14 -6.27 -1.36 -2.29
CA LYS A 14 -7.23 -0.58 -1.51
C LYS A 14 -7.01 -0.83 -0.02
N HIS A 15 -6.25 -1.86 0.31
CA HIS A 15 -5.97 -2.20 1.70
C HIS A 15 -4.68 -3.03 1.80
N ALA A 16 -4.38 -3.75 0.73
CA ALA A 16 -3.18 -4.58 0.70
C ALA A 16 -3.00 -5.18 -0.70
N GLY A 17 -4.11 -5.27 -1.44
CA GLY A 17 -4.08 -5.81 -2.78
C GLY A 17 -3.92 -7.32 -2.79
N LYS A 18 -3.10 -7.83 -1.87
CA LYS A 18 -2.87 -9.26 -1.78
C LYS A 18 -4.02 -9.96 -1.06
N ALA A 19 -4.98 -9.16 -0.60
CA ALA A 19 -6.13 -9.70 0.11
C ALA A 19 -7.24 -8.66 0.21
N ALA A 20 -7.67 -8.14 -0.93
CA ALA A 20 -8.72 -7.14 -0.95
C ALA A 20 -9.24 -6.94 -2.38
N LEU A 21 -8.45 -6.25 -3.20
CA LEU A 21 -8.84 -6.00 -4.58
C LEU A 21 -8.85 -7.30 -5.39
N THR A 22 -9.96 -7.60 -6.02
CA THR A 22 -10.09 -8.81 -6.83
C THR A 22 -9.59 -10.02 -6.05
N HIS A 23 -9.71 -9.95 -4.72
CA HIS A 23 -9.27 -11.05 -3.85
C HIS A 23 -9.92 -10.94 -2.49
N TYR A 24 -11.24 -11.06 -2.46
CA TYR A 24 -11.98 -10.96 -1.20
C TYR A 24 -11.61 -12.12 -0.27
N LEU A 25 -12.00 -13.33 -0.66
CA LEU A 25 -11.70 -14.51 0.15
C LEU A 25 -12.14 -14.28 1.60
N GLY A 1 13.13 9.23 10.26
CA GLY A 1 13.43 10.18 9.20
C GLY A 1 14.12 11.41 9.72
N TRP A 2 15.31 11.68 9.20
CA TRP A 2 16.09 12.84 9.61
C TRP A 2 15.31 14.13 9.33
N GLY A 3 14.81 14.24 8.10
CA GLY A 3 14.05 15.42 7.70
C GLY A 3 13.53 15.30 6.29
N SER A 4 12.76 14.25 6.03
CA SER A 4 12.20 14.02 4.70
C SER A 4 10.97 13.12 4.80
N PHE A 5 10.30 12.92 3.66
CA PHE A 5 9.11 12.09 3.61
C PHE A 5 8.88 11.55 2.20
N PHE A 6 9.37 10.33 1.95
CA PHE A 6 9.21 9.72 0.63
C PHE A 6 7.81 9.11 0.48
N LYS A 7 6.80 9.91 0.78
CA LYS A 7 5.41 9.45 0.68
C LYS A 7 5.23 8.16 1.45
N LYS A 8 3.99 7.69 1.53
CA LYS A 8 3.69 6.46 2.25
C LYS A 8 4.25 5.25 1.51
N ALA A 9 3.53 4.78 0.50
CA ALA A 9 3.97 3.63 -0.28
C ALA A 9 3.07 3.43 -1.50
N ALA A 10 3.63 2.81 -2.54
CA ALA A 10 2.87 2.57 -3.75
C ALA A 10 1.57 1.82 -3.45
N HIS A 11 0.81 1.52 -4.49
CA HIS A 11 -0.46 0.81 -4.31
C HIS A 11 -1.01 0.36 -5.66
N ALA A 12 -0.82 -0.91 -5.97
CA ALA A 12 -1.31 -1.46 -7.24
C ALA A 12 -1.22 -2.98 -7.23
N GLY A 13 -2.36 -3.63 -7.31
CA GLY A 13 -2.40 -5.08 -7.31
C GLY A 13 -1.94 -5.66 -5.98
N LYS A 14 -2.34 -5.01 -4.90
CA LYS A 14 -1.96 -5.47 -3.56
C LYS A 14 -2.77 -4.74 -2.50
N HIS A 15 -2.41 -3.48 -2.23
CA HIS A 15 -3.11 -2.68 -1.24
C HIS A 15 -4.56 -2.45 -1.64
N ALA A 16 -4.88 -2.81 -2.89
CA ALA A 16 -6.24 -2.62 -3.40
C ALA A 16 -6.44 -3.41 -4.68
N GLY A 17 -6.09 -4.70 -4.64
CA GLY A 17 -6.23 -5.56 -5.80
C GLY A 17 -7.68 -5.94 -6.04
N LYS A 18 -8.59 -5.30 -5.31
CA LYS A 18 -10.01 -5.59 -5.45
C LYS A 18 -10.28 -7.09 -5.24
N ALA A 19 -9.25 -7.80 -4.76
CA ALA A 19 -9.39 -9.23 -4.53
C ALA A 19 -8.16 -9.76 -3.79
N ALA A 20 -7.13 -8.93 -3.69
CA ALA A 20 -5.90 -9.32 -3.01
C ALA A 20 -6.09 -9.31 -1.49
N LEU A 21 -6.05 -8.11 -0.91
CA LEU A 21 -6.22 -7.97 0.53
C LEU A 21 -7.69 -8.11 0.92
N THR A 22 -8.58 -7.59 0.07
CA THR A 22 -10.01 -7.66 0.33
C THR A 22 -10.43 -9.08 0.70
N HIS A 23 -9.88 -10.06 -0.02
CA HIS A 23 -10.20 -11.45 0.24
C HIS A 23 -9.82 -11.84 1.67
N TYR A 24 -8.52 -12.00 1.90
CA TYR A 24 -8.03 -12.37 3.23
C TYR A 24 -8.48 -11.34 4.26
N LEU A 25 -8.32 -11.69 5.54
CA LEU A 25 -8.71 -10.80 6.63
C LEU A 25 -7.70 -9.65 6.77
N GLY A 1 16.92 10.15 9.58
CA GLY A 1 15.72 10.97 9.61
C GLY A 1 16.00 12.38 9.17
N TRP A 2 16.36 12.55 7.89
CA TRP A 2 16.65 13.88 7.35
C TRP A 2 15.35 14.65 7.09
N GLY A 3 14.23 14.08 7.54
CA GLY A 3 12.94 14.72 7.36
C GLY A 3 11.87 14.09 8.22
N SER A 4 11.39 12.92 7.81
CA SER A 4 10.36 12.22 8.56
C SER A 4 10.09 10.86 7.95
N PHE A 5 9.05 10.77 7.12
CA PHE A 5 8.69 9.51 6.49
C PHE A 5 7.61 9.73 5.44
N PHE A 6 8.03 9.98 4.20
CA PHE A 6 7.09 10.21 3.11
C PHE A 6 6.43 8.91 2.70
N LYS A 7 5.24 9.02 2.11
CA LYS A 7 4.52 7.83 1.67
C LYS A 7 5.27 7.13 0.54
N LYS A 8 4.76 5.98 0.12
CA LYS A 8 5.38 5.22 -0.95
C LYS A 8 4.43 4.14 -1.47
N ALA A 9 3.36 3.90 -0.73
CA ALA A 9 2.37 2.90 -1.12
C ALA A 9 1.54 3.38 -2.30
N ALA A 10 2.12 3.35 -3.50
CA ALA A 10 1.42 3.77 -4.69
C ALA A 10 0.31 2.78 -5.05
N HIS A 11 0.65 1.82 -5.91
CA HIS A 11 -0.31 0.80 -6.33
C HIS A 11 -0.35 -0.34 -5.32
N ALA A 12 -1.23 -0.22 -4.33
CA ALA A 12 -1.36 -1.26 -3.32
C ALA A 12 -1.68 -2.60 -3.96
N GLY A 13 -0.69 -3.49 -4.01
CA GLY A 13 -0.87 -4.80 -4.60
C GLY A 13 -1.19 -4.69 -6.08
N LYS A 14 -2.16 -5.49 -6.53
CA LYS A 14 -2.56 -5.48 -7.94
C LYS A 14 -3.57 -4.37 -8.18
N HIS A 15 -3.10 -3.12 -8.05
CA HIS A 15 -3.98 -1.98 -8.27
C HIS A 15 -5.19 -2.04 -7.35
N ALA A 16 -4.94 -2.12 -6.04
CA ALA A 16 -6.01 -2.18 -5.06
C ALA A 16 -7.01 -3.27 -5.45
N GLY A 17 -6.54 -4.50 -5.52
CA GLY A 17 -7.40 -5.62 -5.88
C GLY A 17 -8.42 -5.90 -4.79
N LYS A 18 -9.58 -5.26 -4.89
CA LYS A 18 -10.64 -5.43 -3.90
C LYS A 18 -10.15 -4.94 -2.54
N ALA A 19 -9.30 -5.73 -1.89
CA ALA A 19 -8.75 -5.39 -0.57
C ALA A 19 -7.26 -5.67 -0.54
N ALA A 20 -6.55 -5.27 -1.61
CA ALA A 20 -5.12 -5.50 -1.70
C ALA A 20 -4.80 -6.98 -1.52
N LEU A 21 -4.52 -7.66 -2.63
CA LEU A 21 -4.20 -9.08 -2.59
C LEU A 21 -5.36 -9.86 -1.98
N THR A 22 -6.47 -9.17 -1.73
CA THR A 22 -7.65 -9.82 -1.16
C THR A 22 -7.30 -10.50 0.15
N HIS A 23 -7.12 -9.71 1.21
CA HIS A 23 -6.80 -10.25 2.52
C HIS A 23 -8.03 -10.83 3.19
N TYR A 24 -8.12 -12.15 3.22
CA TYR A 24 -9.26 -12.82 3.84
C TYR A 24 -9.30 -12.53 5.34
N LEU A 25 -10.46 -12.12 5.83
CA LEU A 25 -10.62 -11.82 7.25
C LEU A 25 -10.67 -13.11 8.08
N GLY A 1 13.21 15.39 4.53
CA GLY A 1 12.37 14.33 5.09
C GLY A 1 10.92 14.73 5.15
N TRP A 2 10.13 14.26 4.19
CA TRP A 2 8.71 14.57 4.15
C TRP A 2 7.99 13.70 3.12
N GLY A 3 7.71 12.46 3.49
CA GLY A 3 7.03 11.54 2.59
C GLY A 3 6.71 10.23 3.27
N SER A 4 6.93 10.16 4.58
CA SER A 4 6.66 8.95 5.34
C SER A 4 7.46 7.77 4.78
N PHE A 5 6.86 6.58 4.81
CA PHE A 5 7.53 5.39 4.29
C PHE A 5 6.50 4.32 3.94
N PHE A 6 5.78 4.53 2.84
CA PHE A 6 4.78 3.57 2.40
C PHE A 6 5.45 2.31 1.85
N LYS A 7 6.77 2.27 1.94
CA LYS A 7 7.53 1.12 1.45
C LYS A 7 7.25 -0.11 2.30
N LYS A 8 7.07 0.10 3.60
CA LYS A 8 6.79 -1.00 4.51
C LYS A 8 5.48 -1.69 4.15
N ALA A 9 4.36 -1.02 4.43
CA ALA A 9 3.05 -1.57 4.12
C ALA A 9 2.87 -1.74 2.62
N ALA A 10 2.70 -2.98 2.19
CA ALA A 10 2.51 -3.26 0.76
C ALA A 10 1.31 -2.49 0.22
N HIS A 11 1.22 -2.41 -1.10
CA HIS A 11 0.12 -1.70 -1.74
C HIS A 11 0.07 -2.01 -3.23
N ALA A 12 1.22 -2.24 -3.82
CA ALA A 12 1.30 -2.54 -5.25
C ALA A 12 0.57 -1.47 -6.06
N GLY A 13 -0.70 -1.72 -6.36
CA GLY A 13 -1.48 -0.78 -7.12
C GLY A 13 -1.66 0.54 -6.38
N LYS A 14 -2.53 0.53 -5.38
CA LYS A 14 -2.78 1.72 -4.59
C LYS A 14 -3.65 1.39 -3.38
N HIS A 15 -4.14 2.44 -2.70
CA HIS A 15 -4.98 2.23 -1.52
C HIS A 15 -6.22 1.43 -1.88
N ALA A 16 -6.20 0.14 -1.56
CA ALA A 16 -7.33 -0.74 -1.86
C ALA A 16 -7.65 -0.70 -3.34
N GLY A 17 -6.64 -0.97 -4.17
CA GLY A 17 -6.81 -0.98 -5.62
C GLY A 17 -7.37 -2.30 -6.10
N LYS A 18 -8.70 -2.39 -6.19
CA LYS A 18 -9.34 -3.62 -6.63
C LYS A 18 -8.93 -4.78 -5.73
N ALA A 19 -8.22 -4.46 -4.65
CA ALA A 19 -7.76 -5.47 -3.71
C ALA A 19 -7.10 -4.81 -2.51
N ALA A 20 -7.52 -5.21 -1.31
CA ALA A 20 -6.96 -4.65 -0.09
C ALA A 20 -5.44 -4.63 -0.14
N LEU A 21 -4.88 -3.51 -0.59
CA LEU A 21 -3.43 -3.37 -0.70
C LEU A 21 -2.85 -4.41 -1.65
N THR A 22 -2.74 -5.65 -1.18
CA THR A 22 -2.19 -6.72 -2.00
C THR A 22 -2.48 -8.08 -1.37
N HIS A 23 -3.75 -8.47 -1.35
CA HIS A 23 -4.15 -9.74 -0.79
C HIS A 23 -3.64 -9.87 0.65
N TYR A 24 -4.40 -9.31 1.59
CA TYR A 24 -4.02 -9.36 3.00
C TYR A 24 -5.19 -8.93 3.88
N LEU A 25 -6.40 -9.16 3.41
CA LEU A 25 -7.59 -8.80 4.17
C LEU A 25 -7.52 -7.34 4.61
N GLY A 1 13.35 7.34 6.63
CA GLY A 1 13.26 5.91 6.38
C GLY A 1 11.94 5.33 6.88
N TRP A 2 11.56 5.72 8.09
CA TRP A 2 10.30 5.23 8.66
C TRP A 2 9.12 5.60 7.78
N GLY A 3 8.66 6.84 7.90
CA GLY A 3 7.54 7.31 7.11
C GLY A 3 7.25 8.78 7.33
N SER A 4 8.32 9.57 7.45
CA SER A 4 8.15 11.01 7.67
C SER A 4 7.54 11.68 6.44
N PHE A 5 8.38 11.99 5.47
CA PHE A 5 7.91 12.64 4.24
C PHE A 5 7.24 11.61 3.32
N PHE A 6 7.94 10.52 3.05
CA PHE A 6 7.40 9.47 2.19
C PHE A 6 6.04 9.02 2.68
N LYS A 7 5.26 8.41 1.78
CA LYS A 7 3.92 7.91 2.13
C LYS A 7 3.61 6.65 1.33
N LYS A 8 2.43 6.60 0.72
CA LYS A 8 2.02 5.44 -0.07
C LYS A 8 2.98 5.24 -1.24
N ALA A 9 2.44 4.83 -2.38
CA ALA A 9 3.26 4.61 -3.56
C ALA A 9 2.38 4.52 -4.82
N ALA A 10 1.40 5.41 -4.91
CA ALA A 10 0.50 5.43 -6.05
C ALA A 10 -0.07 4.05 -6.31
N HIS A 11 -1.28 3.81 -5.81
CA HIS A 11 -1.93 2.52 -6.00
C HIS A 11 -1.96 2.13 -7.47
N ALA A 12 -2.22 0.85 -7.75
CA ALA A 12 -2.26 0.38 -9.12
C ALA A 12 -2.80 -1.05 -9.17
N GLY A 13 -2.03 -1.98 -8.61
CA GLY A 13 -2.44 -3.38 -8.60
C GLY A 13 -1.49 -4.23 -7.78
N LYS A 14 -1.42 -3.96 -6.48
CA LYS A 14 -0.54 -4.72 -5.60
C LYS A 14 -0.78 -4.33 -4.14
N HIS A 15 -0.15 -3.24 -3.72
CA HIS A 15 -0.30 -2.78 -2.34
C HIS A 15 -1.73 -2.30 -2.07
N ALA A 16 -2.56 -2.35 -3.11
CA ALA A 16 -3.96 -1.93 -2.96
C ALA A 16 -4.79 -2.37 -4.15
N GLY A 17 -4.75 -3.67 -4.44
CA GLY A 17 -5.50 -4.23 -5.56
C GLY A 17 -5.89 -5.67 -5.31
N LYS A 18 -5.04 -6.41 -4.60
CA LYS A 18 -5.33 -7.80 -4.30
C LYS A 18 -4.33 -8.34 -3.28
N ALA A 19 -3.07 -7.90 -3.39
CA ALA A 19 -2.02 -8.34 -2.47
C ALA A 19 -2.07 -7.52 -1.18
N ALA A 20 -3.26 -7.03 -0.84
CA ALA A 20 -3.42 -6.23 0.37
C ALA A 20 -4.89 -6.14 0.76
N LEU A 21 -5.74 -5.84 -0.22
CA LEU A 21 -7.17 -5.73 0.03
C LEU A 21 -7.75 -7.08 0.43
N THR A 22 -7.28 -8.14 -0.23
CA THR A 22 -7.76 -9.49 0.07
C THR A 22 -7.62 -9.78 1.56
N HIS A 23 -6.41 -9.66 2.07
CA HIS A 23 -6.14 -9.90 3.49
C HIS A 23 -6.98 -8.97 4.35
N TYR A 24 -7.43 -9.47 5.50
CA TYR A 24 -8.24 -8.68 6.41
C TYR A 24 -7.45 -7.47 6.91
N LEU A 25 -8.10 -6.63 7.71
CA LEU A 25 -7.44 -5.44 8.26
C LEU A 25 -6.80 -4.64 7.13
N GLY A 1 9.28 0.88 5.10
CA GLY A 1 8.87 0.47 6.42
C GLY A 1 7.47 0.92 6.75
N TRP A 2 7.19 1.07 8.05
CA TRP A 2 5.88 1.50 8.49
C TRP A 2 5.62 2.95 8.05
N GLY A 3 6.64 3.79 8.19
CA GLY A 3 6.51 5.18 7.82
C GLY A 3 6.10 5.35 6.36
N SER A 4 6.99 4.92 5.47
CA SER A 4 6.72 5.02 4.04
C SER A 4 6.32 6.45 3.67
N PHE A 5 5.39 6.58 2.72
CA PHE A 5 4.93 7.89 2.28
C PHE A 5 3.54 7.80 1.66
N PHE A 6 3.10 8.87 1.01
CA PHE A 6 1.80 8.90 0.38
C PHE A 6 1.75 7.89 -0.77
N LYS A 7 0.54 7.46 -1.13
CA LYS A 7 0.36 6.51 -2.22
C LYS A 7 0.87 7.10 -3.54
N LYS A 8 1.22 8.38 -3.50
CA LYS A 8 1.72 9.06 -4.68
C LYS A 8 3.06 8.46 -5.13
N ALA A 9 3.72 7.78 -4.19
CA ALA A 9 5.02 7.16 -4.48
C ALA A 9 4.98 6.43 -5.82
N ALA A 10 4.34 5.27 -5.85
CA ALA A 10 4.24 4.49 -7.08
C ALA A 10 3.19 3.40 -6.93
N HIS A 11 2.68 3.24 -5.72
CA HIS A 11 1.67 2.23 -5.45
C HIS A 11 0.50 2.36 -6.43
N ALA A 12 0.42 1.42 -7.37
CA ALA A 12 -0.64 1.45 -8.37
C ALA A 12 -1.98 1.06 -7.73
N GLY A 13 -1.97 0.90 -6.42
CA GLY A 13 -3.19 0.53 -5.70
C GLY A 13 -3.56 -0.92 -5.93
N LYS A 14 -2.69 -1.82 -5.50
CA LYS A 14 -2.95 -3.26 -5.66
C LYS A 14 -1.90 -4.07 -4.91
N HIS A 15 -0.67 -4.07 -5.43
CA HIS A 15 0.41 -4.82 -4.81
C HIS A 15 0.68 -4.32 -3.39
N ALA A 16 0.18 -3.11 -3.09
CA ALA A 16 0.39 -2.53 -1.77
C ALA A 16 -0.55 -1.35 -1.55
N GLY A 17 -1.86 -1.59 -1.69
CA GLY A 17 -2.84 -0.54 -1.51
C GLY A 17 -4.25 -1.10 -1.41
N LYS A 18 -4.36 -2.43 -1.44
CA LYS A 18 -5.66 -3.08 -1.35
C LYS A 18 -5.49 -4.56 -1.03
N ALA A 19 -4.74 -5.26 -1.87
CA ALA A 19 -4.51 -6.69 -1.67
C ALA A 19 -3.46 -6.91 -0.58
N ALA A 20 -3.36 -5.96 0.34
CA ALA A 20 -2.41 -6.06 1.43
C ALA A 20 -2.70 -5.00 2.50
N LEU A 21 -2.94 -3.78 2.06
CA LEU A 21 -3.24 -2.69 2.99
C LEU A 21 -4.55 -2.97 3.73
N THR A 22 -5.65 -2.99 2.99
CA THR A 22 -6.96 -3.25 3.57
C THR A 22 -6.94 -4.57 4.36
N HIS A 23 -6.95 -5.67 3.63
CA HIS A 23 -6.93 -7.00 4.25
C HIS A 23 -5.50 -7.47 4.46
N TYR A 24 -5.30 -8.35 5.44
CA TYR A 24 -3.96 -8.87 5.72
C TYR A 24 -4.05 -10.08 6.65
N LEU A 25 -5.22 -10.29 7.23
CA LEU A 25 -5.42 -11.42 8.14
C LEU A 25 -5.40 -12.74 7.37
N GLY A 1 16.57 7.36 5.92
CA GLY A 1 15.76 8.22 5.08
C GLY A 1 14.30 7.82 5.10
N TRP A 2 13.56 8.32 6.09
CA TRP A 2 12.15 8.01 6.21
C TRP A 2 11.47 8.96 7.20
N GLY A 3 10.21 8.68 7.51
CA GLY A 3 9.46 9.52 8.44
C GLY A 3 8.98 10.80 7.80
N SER A 4 9.91 11.55 7.21
CA SER A 4 9.56 12.81 6.56
C SER A 4 8.81 12.55 5.26
N PHE A 5 7.98 13.51 4.85
CA PHE A 5 7.22 13.38 3.62
C PHE A 5 6.49 12.05 3.57
N PHE A 6 6.00 11.69 2.39
CA PHE A 6 5.28 10.42 2.21
C PHE A 6 5.52 9.86 0.82
N LYS A 7 4.84 8.76 0.49
CA LYS A 7 4.99 8.13 -0.81
C LYS A 7 3.92 7.06 -1.01
N LYS A 8 2.66 7.49 -1.03
CA LYS A 8 1.55 6.56 -1.22
C LYS A 8 1.52 6.03 -2.65
N ALA A 9 2.29 6.67 -3.53
CA ALA A 9 2.34 6.26 -4.93
C ALA A 9 3.18 5.00 -5.09
N ALA A 10 2.68 3.90 -4.52
CA ALA A 10 3.40 2.63 -4.61
C ALA A 10 2.52 1.49 -4.09
N HIS A 11 1.40 1.27 -4.77
CA HIS A 11 0.48 0.20 -4.37
C HIS A 11 1.11 -1.16 -4.63
N ALA A 12 0.46 -1.96 -5.48
CA ALA A 12 0.98 -3.30 -5.79
C ALA A 12 1.19 -4.09 -4.51
N GLY A 13 0.26 -5.00 -4.21
CA GLY A 13 0.36 -5.81 -3.01
C GLY A 13 0.50 -4.97 -1.76
N LYS A 14 -0.37 -3.98 -1.63
CA LYS A 14 -0.34 -3.10 -0.47
C LYS A 14 -1.62 -2.26 -0.39
N HIS A 15 -2.09 -2.01 0.83
CA HIS A 15 -3.29 -1.22 1.02
C HIS A 15 -4.43 -1.76 0.16
N ALA A 16 -4.55 -1.24 -1.06
CA ALA A 16 -5.61 -1.66 -1.99
C ALA A 16 -5.02 -2.35 -3.21
N GLY A 17 -4.40 -3.50 -3.00
CA GLY A 17 -3.79 -4.25 -4.09
C GLY A 17 -4.83 -5.01 -4.90
N LYS A 18 -6.07 -4.56 -4.83
CA LYS A 18 -7.15 -5.21 -5.56
C LYS A 18 -7.22 -6.69 -5.20
N ALA A 19 -6.46 -7.08 -4.17
CA ALA A 19 -6.45 -8.47 -3.74
C ALA A 19 -5.84 -8.59 -2.35
N ALA A 20 -4.89 -7.69 -2.04
CA ALA A 20 -4.23 -7.70 -0.75
C ALA A 20 -5.27 -7.66 0.37
N LEU A 21 -5.47 -6.48 0.96
CA LEU A 21 -6.43 -6.32 2.05
C LEU A 21 -7.85 -6.21 1.49
N THR A 22 -7.96 -6.14 0.17
CA THR A 22 -9.27 -6.03 -0.47
C THR A 22 -10.19 -7.14 0.01
N HIS A 23 -9.97 -8.35 -0.51
CA HIS A 23 -10.78 -9.50 -0.12
C HIS A 23 -10.28 -10.08 1.20
N TYR A 24 -10.55 -11.37 1.41
CA TYR A 24 -10.13 -12.03 2.64
C TYR A 24 -8.60 -11.98 2.79
N LEU A 25 -8.14 -11.55 3.95
CA LEU A 25 -6.71 -11.45 4.21
C LEU A 25 -6.03 -10.60 3.13
N GLY A 1 12.50 17.47 8.25
CA GLY A 1 13.25 16.92 9.36
C GLY A 1 12.62 15.65 9.90
N TRP A 2 11.52 15.24 9.29
CA TRP A 2 10.82 14.04 9.72
C TRP A 2 11.78 12.86 9.83
N GLY A 3 12.58 12.67 8.79
CA GLY A 3 13.54 11.58 8.77
C GLY A 3 14.35 11.57 7.49
N SER A 4 13.66 11.62 6.36
CA SER A 4 14.33 11.61 5.06
C SER A 4 13.35 11.99 3.95
N PHE A 5 12.87 10.99 3.22
CA PHE A 5 11.92 11.23 2.13
C PHE A 5 11.12 9.96 1.83
N PHE A 6 11.54 8.85 2.43
CA PHE A 6 10.87 7.57 2.22
C PHE A 6 10.78 7.26 0.73
N LYS A 7 9.75 6.48 0.36
CA LYS A 7 9.56 6.11 -1.03
C LYS A 7 8.13 5.59 -1.25
N LYS A 8 7.18 6.50 -1.34
CA LYS A 8 5.79 6.11 -1.54
C LYS A 8 5.63 5.30 -2.82
N ALA A 9 5.31 4.02 -2.67
CA ALA A 9 5.14 3.15 -3.82
C ALA A 9 4.00 3.65 -4.71
N ALA A 10 2.85 2.98 -4.63
CA ALA A 10 1.70 3.37 -5.44
C ALA A 10 0.46 2.59 -5.01
N HIS A 11 0.66 1.61 -4.14
CA HIS A 11 -0.46 0.78 -3.67
C HIS A 11 -1.35 1.59 -2.73
N ALA A 12 -2.65 1.54 -2.98
CA ALA A 12 -3.61 2.27 -2.14
C ALA A 12 -5.03 1.84 -2.47
N GLY A 13 -5.17 0.94 -3.43
CA GLY A 13 -6.48 0.46 -3.82
C GLY A 13 -6.42 -0.44 -5.04
N LYS A 14 -5.59 -1.47 -4.97
CA LYS A 14 -5.44 -2.40 -6.08
C LYS A 14 -4.70 -3.66 -5.63
N HIS A 15 -3.37 -3.53 -5.47
CA HIS A 15 -2.55 -4.66 -5.05
C HIS A 15 -2.69 -4.88 -3.54
N ALA A 16 -3.53 -4.07 -2.90
CA ALA A 16 -3.74 -4.20 -1.46
C ALA A 16 -4.94 -3.38 -1.01
N GLY A 17 -6.07 -3.58 -1.70
CA GLY A 17 -7.28 -2.86 -1.38
C GLY A 17 -7.97 -3.43 -0.15
N LYS A 18 -7.17 -3.97 0.76
CA LYS A 18 -7.72 -4.56 1.99
C LYS A 18 -8.84 -5.54 1.66
N ALA A 19 -8.96 -5.89 0.39
CA ALA A 19 -9.99 -6.83 -0.05
C ALA A 19 -9.67 -7.38 -1.43
N ALA A 20 -8.78 -6.70 -2.15
CA ALA A 20 -8.40 -7.12 -3.49
C ALA A 20 -7.50 -8.36 -3.41
N LEU A 21 -6.34 -8.20 -2.79
CA LEU A 21 -5.40 -9.30 -2.65
C LEU A 21 -5.84 -10.25 -1.54
N THR A 22 -6.34 -9.68 -0.44
CA THR A 22 -6.79 -10.47 0.69
C THR A 22 -8.16 -11.09 0.40
N HIS A 23 -8.58 -11.03 -0.86
CA HIS A 23 -9.87 -11.58 -1.24
C HIS A 23 -10.00 -13.03 -0.78
N TYR A 24 -10.68 -13.22 0.35
CA TYR A 24 -10.87 -14.56 0.92
C TYR A 24 -9.53 -15.21 1.23
N LEU A 25 -9.44 -15.81 2.42
CA LEU A 25 -8.20 -16.47 2.83
C LEU A 25 -7.88 -17.61 1.87
N GLY A 1 13.31 8.78 4.02
CA GLY A 1 14.42 9.72 4.02
C GLY A 1 13.96 11.14 4.24
N TRP A 2 13.45 11.77 3.19
CA TRP A 2 12.97 13.15 3.28
C TRP A 2 11.95 13.28 4.41
N GLY A 3 10.99 12.37 4.44
CA GLY A 3 9.96 12.39 5.46
C GLY A 3 9.07 11.17 5.39
N SER A 4 8.64 10.82 4.19
CA SER A 4 7.77 9.67 3.99
C SER A 4 8.50 8.38 4.36
N PHE A 5 8.14 7.82 5.51
CA PHE A 5 8.77 6.58 5.97
C PHE A 5 8.54 5.46 4.97
N PHE A 6 7.59 4.58 5.25
CA PHE A 6 7.29 3.48 4.34
C PHE A 6 6.57 3.99 3.11
N LYS A 7 6.00 3.07 2.33
CA LYS A 7 5.28 3.45 1.11
C LYS A 7 4.29 4.57 1.41
N LYS A 8 3.65 5.08 0.36
CA LYS A 8 2.68 6.17 0.52
C LYS A 8 1.86 6.34 -0.76
N ALA A 9 2.36 5.77 -1.86
CA ALA A 9 1.66 5.87 -3.15
C ALA A 9 2.08 4.72 -4.05
N ALA A 10 3.18 4.06 -3.72
CA ALA A 10 3.68 2.95 -4.51
C ALA A 10 2.63 1.84 -4.56
N HIS A 11 2.01 1.57 -3.42
CA HIS A 11 0.99 0.53 -3.34
C HIS A 11 0.08 0.78 -2.14
N ALA A 12 -0.23 2.05 -1.89
CA ALA A 12 -1.09 2.42 -0.77
C ALA A 12 -2.53 1.98 -1.03
N GLY A 13 -2.90 1.87 -2.30
CA GLY A 13 -4.24 1.47 -2.68
C GLY A 13 -4.32 1.06 -4.14
N LYS A 14 -3.66 -0.04 -4.47
CA LYS A 14 -3.66 -0.52 -5.85
C LYS A 14 -3.01 -1.89 -5.92
N HIS A 15 -3.71 -2.84 -6.56
CA HIS A 15 -3.19 -4.19 -6.69
C HIS A 15 -2.80 -4.74 -5.32
N ALA A 16 -1.54 -4.51 -4.93
CA ALA A 16 -1.04 -4.98 -3.64
C ALA A 16 -1.30 -3.93 -2.55
N GLY A 17 -2.53 -3.45 -2.49
CA GLY A 17 -2.90 -2.45 -1.51
C GLY A 17 -2.97 -3.02 -0.11
N LYS A 18 -2.38 -4.20 0.09
CA LYS A 18 -2.38 -4.85 1.39
C LYS A 18 -3.80 -5.01 1.91
N ALA A 19 -4.78 -4.89 1.01
CA ALA A 19 -6.18 -5.04 1.38
C ALA A 19 -7.04 -5.31 0.15
N ALA A 20 -6.56 -4.86 -1.00
CA ALA A 20 -7.30 -5.06 -2.25
C ALA A 20 -7.19 -6.50 -2.71
N LEU A 21 -5.96 -6.97 -2.90
CA LEU A 21 -5.73 -8.34 -3.34
C LEU A 21 -6.31 -9.32 -2.31
N THR A 22 -5.99 -9.11 -1.04
CA THR A 22 -6.48 -9.97 0.02
C THR A 22 -8.01 -9.89 0.12
N HIS A 23 -8.51 -8.66 0.23
CA HIS A 23 -9.96 -8.45 0.34
C HIS A 23 -10.53 -9.24 1.51
N TYR A 24 -9.75 -9.37 2.57
CA TYR A 24 -10.19 -10.10 3.75
C TYR A 24 -10.66 -11.50 3.37
N LEU A 25 -9.80 -12.24 2.67
CA LEU A 25 -10.14 -13.59 2.26
C LEU A 25 -11.48 -13.60 1.52
N GLY A 1 5.92 2.16 11.01
CA GLY A 1 5.57 3.56 10.85
C GLY A 1 4.09 3.75 10.57
N TRP A 2 3.70 3.57 9.31
CA TRP A 2 2.31 3.73 8.92
C TRP A 2 2.10 3.24 7.49
N GLY A 3 3.15 3.30 6.69
CA GLY A 3 3.07 2.87 5.31
C GLY A 3 4.38 3.07 4.57
N SER A 4 5.48 3.12 5.32
CA SER A 4 6.79 3.31 4.72
C SER A 4 6.80 4.58 3.86
N PHE A 5 7.55 4.53 2.76
CA PHE A 5 7.63 5.67 1.86
C PHE A 5 6.26 6.08 1.37
N PHE A 6 6.21 7.07 0.49
CA PHE A 6 4.94 7.55 -0.05
C PHE A 6 5.17 8.39 -1.31
N LYS A 7 6.40 8.86 -1.47
CA LYS A 7 6.75 9.66 -2.63
C LYS A 7 6.51 8.89 -3.92
N LYS A 8 7.20 7.76 -4.07
CA LYS A 8 7.05 6.93 -5.26
C LYS A 8 5.58 6.62 -5.52
N ALA A 9 5.12 5.48 -5.03
CA ALA A 9 3.73 5.08 -5.22
C ALA A 9 3.40 3.85 -4.39
N ALA A 10 3.14 4.06 -3.09
CA ALA A 10 2.82 2.97 -2.20
C ALA A 10 1.67 2.14 -2.76
N HIS A 11 0.62 2.82 -3.21
CA HIS A 11 -0.53 2.14 -3.78
C HIS A 11 -0.19 1.55 -5.15
N ALA A 12 0.26 0.30 -5.15
CA ALA A 12 0.61 -0.36 -6.40
C ALA A 12 -0.63 -0.66 -7.22
N GLY A 13 -1.53 -1.47 -6.67
CA GLY A 13 -2.75 -1.83 -7.36
C GLY A 13 -3.61 -0.62 -7.64
N LYS A 14 -4.59 -0.37 -6.77
CA LYS A 14 -5.49 0.76 -6.93
C LYS A 14 -6.29 1.00 -5.66
N HIS A 15 -5.66 1.63 -4.67
CA HIS A 15 -6.33 1.90 -3.41
C HIS A 15 -6.93 0.63 -2.83
N ALA A 16 -6.16 -0.04 -1.97
CA ALA A 16 -6.63 -1.28 -1.36
C ALA A 16 -7.03 -2.29 -2.44
N GLY A 17 -6.10 -2.58 -3.33
CA GLY A 17 -6.37 -3.53 -4.41
C GLY A 17 -6.34 -4.97 -3.92
N LYS A 18 -6.79 -5.18 -2.69
CA LYS A 18 -6.82 -6.52 -2.12
C LYS A 18 -5.44 -7.17 -2.26
N ALA A 19 -4.40 -6.36 -2.16
CA ALA A 19 -3.03 -6.87 -2.27
C ALA A 19 -2.02 -5.78 -1.92
N ALA A 20 -2.39 -4.52 -2.21
CA ALA A 20 -1.51 -3.40 -1.93
C ALA A 20 -1.51 -3.09 -0.43
N LEU A 21 -2.48 -2.31 0.01
CA LEU A 21 -2.58 -1.93 1.42
C LEU A 21 -3.09 -3.11 2.27
N THR A 22 -3.40 -4.22 1.61
CA THR A 22 -3.90 -5.39 2.33
C THR A 22 -2.87 -5.88 3.33
N HIS A 23 -1.81 -6.52 2.85
CA HIS A 23 -0.77 -7.03 3.72
C HIS A 23 -1.37 -7.89 4.83
N TYR A 24 -0.51 -8.45 5.66
CA TYR A 24 -0.97 -9.30 6.76
C TYR A 24 -1.75 -8.48 7.78
N LEU A 25 -2.92 -8.97 8.16
CA LEU A 25 -3.76 -8.27 9.13
C LEU A 25 -3.19 -8.42 10.53
N GLY A 1 5.00 2.58 1.91
CA GLY A 1 5.49 3.55 2.87
C GLY A 1 5.51 3.00 4.28
N TRP A 2 6.69 2.60 4.75
CA TRP A 2 6.83 2.06 6.09
C TRP A 2 6.84 3.18 7.13
N GLY A 3 5.67 3.77 7.36
CA GLY A 3 5.56 4.85 8.33
C GLY A 3 6.64 5.89 8.15
N SER A 4 6.53 6.67 7.08
CA SER A 4 7.52 7.71 6.81
C SER A 4 6.98 8.69 5.76
N PHE A 5 6.32 8.15 4.74
CA PHE A 5 5.76 8.99 3.69
C PHE A 5 6.83 9.91 3.10
N PHE A 6 7.48 9.47 2.03
CA PHE A 6 8.52 10.26 1.39
C PHE A 6 7.91 11.43 0.62
N LYS A 7 7.29 11.13 -0.53
CA LYS A 7 6.66 12.16 -1.34
C LYS A 7 5.74 11.54 -2.38
N LYS A 8 6.32 10.96 -3.42
CA LYS A 8 5.53 10.33 -4.48
C LYS A 8 4.96 9.00 -4.01
N ALA A 9 3.88 8.57 -4.66
CA ALA A 9 3.24 7.30 -4.31
C ALA A 9 2.23 6.91 -5.37
N ALA A 10 2.19 5.62 -5.70
CA ALA A 10 1.25 5.13 -6.70
C ALA A 10 1.20 3.61 -6.67
N HIS A 11 0.27 3.06 -5.88
CA HIS A 11 0.12 1.61 -5.78
C HIS A 11 -1.18 1.26 -5.07
N ALA A 12 -2.15 2.15 -5.17
CA ALA A 12 -3.45 1.91 -4.53
C ALA A 12 -4.13 0.69 -5.14
N GLY A 13 -4.26 -0.36 -4.34
CA GLY A 13 -4.89 -1.59 -4.80
C GLY A 13 -4.16 -2.20 -5.98
N LYS A 14 -3.01 -2.80 -5.71
CA LYS A 14 -2.21 -3.42 -6.77
C LYS A 14 -1.10 -4.26 -6.17
N HIS A 15 -0.53 -3.79 -5.06
CA HIS A 15 0.56 -4.51 -4.41
C HIS A 15 0.71 -4.03 -2.97
N ALA A 16 0.10 -2.88 -2.66
CA ALA A 16 0.18 -2.33 -1.31
C ALA A 16 -0.55 -3.22 -0.33
N GLY A 17 -1.48 -4.03 -0.84
CA GLY A 17 -2.25 -4.92 0.01
C GLY A 17 -3.40 -4.22 0.69
N LYS A 18 -3.40 -2.89 0.63
CA LYS A 18 -4.45 -2.09 1.24
C LYS A 18 -5.82 -2.62 0.82
N ALA A 19 -5.83 -3.41 -0.25
CA ALA A 19 -7.08 -3.97 -0.75
C ALA A 19 -6.79 -5.04 -1.80
N ALA A 20 -5.56 -5.05 -2.31
CA ALA A 20 -5.17 -6.03 -3.31
C ALA A 20 -4.96 -7.40 -2.69
N LEU A 21 -3.82 -7.60 -2.04
CA LEU A 21 -3.52 -8.87 -1.41
C LEU A 21 -4.49 -9.13 -0.26
N THR A 22 -5.26 -8.11 0.10
CA THR A 22 -6.23 -8.23 1.19
C THR A 22 -5.59 -8.86 2.42
N HIS A 23 -4.66 -8.12 3.03
CA HIS A 23 -3.99 -8.62 4.23
C HIS A 23 -4.95 -8.64 5.41
N TYR A 24 -4.54 -9.29 6.49
CA TYR A 24 -5.38 -9.38 7.68
C TYR A 24 -6.77 -9.89 7.31
N LEU A 25 -6.96 -11.20 7.39
CA LEU A 25 -8.25 -11.82 7.07
C LEU A 25 -8.74 -11.32 5.72
N GLY A 1 9.98 12.70 11.01
CA GLY A 1 10.41 11.58 10.17
C GLY A 1 11.92 11.50 10.08
N TRP A 2 12.44 10.28 10.02
CA TRP A 2 13.88 10.06 9.92
C TRP A 2 14.36 10.29 8.49
N GLY A 3 13.71 11.21 7.80
CA GLY A 3 14.08 11.52 6.42
C GLY A 3 13.60 10.45 5.46
N SER A 4 13.74 9.19 5.86
CA SER A 4 13.32 8.08 5.01
C SER A 4 11.80 7.94 5.03
N PHE A 5 11.13 8.80 4.28
CA PHE A 5 9.67 8.76 4.22
C PHE A 5 9.19 7.47 3.55
N PHE A 6 8.00 7.04 3.92
CA PHE A 6 7.42 5.82 3.35
C PHE A 6 6.98 6.06 1.92
N LYS A 7 6.62 7.30 1.61
CA LYS A 7 6.18 7.66 0.26
C LYS A 7 5.00 6.80 -0.16
N LYS A 8 3.80 7.23 0.20
CA LYS A 8 2.59 6.47 -0.15
C LYS A 8 2.38 6.47 -1.66
N ALA A 9 2.64 5.33 -2.29
CA ALA A 9 2.47 5.21 -3.73
C ALA A 9 1.00 5.39 -4.11
N ALA A 10 0.72 5.27 -5.41
CA ALA A 10 -0.66 5.42 -5.88
C ALA A 10 -1.52 4.25 -5.41
N HIS A 11 -0.91 3.07 -5.36
CA HIS A 11 -1.64 1.88 -4.91
C HIS A 11 -0.65 0.75 -4.59
N ALA A 12 -0.92 0.04 -3.51
CA ALA A 12 -0.05 -1.07 -3.10
C ALA A 12 -0.79 -1.97 -2.10
N GLY A 13 -1.28 -3.10 -2.60
CA GLY A 13 -2.00 -4.04 -1.75
C GLY A 13 -3.27 -3.45 -1.19
N LYS A 14 -4.09 -2.88 -2.06
CA LYS A 14 -5.35 -2.28 -1.64
C LYS A 14 -6.26 -2.02 -2.85
N HIS A 15 -6.06 -0.88 -3.50
CA HIS A 15 -6.86 -0.52 -4.67
C HIS A 15 -6.51 -1.41 -5.85
N ALA A 16 -5.38 -2.10 -5.76
CA ALA A 16 -4.94 -2.97 -6.83
C ALA A 16 -5.91 -4.15 -7.00
N GLY A 17 -6.22 -4.81 -5.89
CA GLY A 17 -7.13 -5.93 -5.93
C GLY A 17 -6.49 -7.19 -6.49
N LYS A 18 -5.57 -6.99 -7.44
CA LYS A 18 -4.88 -8.12 -8.05
C LYS A 18 -4.05 -8.88 -7.02
N ALA A 19 -4.04 -8.37 -5.79
CA ALA A 19 -3.29 -9.02 -4.71
C ALA A 19 -3.72 -8.49 -3.36
N ALA A 20 -5.04 -8.36 -3.17
CA ALA A 20 -5.58 -7.85 -1.92
C ALA A 20 -7.10 -7.98 -1.91
N LEU A 21 -7.77 -6.88 -2.29
CA LEU A 21 -9.23 -6.86 -2.33
C LEU A 21 -9.81 -7.13 -0.93
N THR A 22 -9.79 -8.39 -0.49
CA THR A 22 -10.31 -8.74 0.82
C THR A 22 -9.34 -8.28 1.91
N HIS A 23 -8.12 -7.94 1.51
CA HIS A 23 -7.10 -7.49 2.45
C HIS A 23 -6.77 -8.60 3.45
N TYR A 24 -5.48 -8.79 3.71
CA TYR A 24 -5.04 -9.81 4.65
C TYR A 24 -5.58 -9.52 6.04
N LEU A 25 -5.64 -8.25 6.40
CA LEU A 25 -6.15 -7.86 7.72
C LEU A 25 -5.21 -8.38 8.82
N GLY A 1 12.32 7.85 6.63
CA GLY A 1 12.47 9.29 6.73
C GLY A 1 13.21 9.86 5.53
N TRP A 2 14.53 9.95 5.65
CA TRP A 2 15.35 10.49 4.55
C TRP A 2 15.23 9.61 3.31
N GLY A 3 14.12 9.78 2.58
CA GLY A 3 13.90 9.00 1.38
C GLY A 3 12.49 9.19 0.84
N SER A 4 11.56 9.51 1.73
CA SER A 4 10.17 9.73 1.32
C SER A 4 9.39 10.44 2.44
N PHE A 5 9.97 11.53 2.94
CA PHE A 5 9.32 12.29 4.00
C PHE A 5 7.97 12.82 3.54
N PHE A 6 7.88 13.20 2.27
CA PHE A 6 6.64 13.72 1.71
C PHE A 6 5.52 12.68 1.84
N LYS A 7 4.37 12.99 1.24
CA LYS A 7 3.24 12.08 1.29
C LYS A 7 3.63 10.70 0.76
N LYS A 8 2.78 9.71 1.03
CA LYS A 8 3.05 8.34 0.58
C LYS A 8 1.86 7.44 0.85
N ALA A 9 1.95 6.19 0.42
CA ALA A 9 0.87 5.23 0.64
C ALA A 9 1.32 3.82 0.26
N ALA A 10 2.34 3.74 -0.60
CA ALA A 10 2.86 2.44 -1.02
C ALA A 10 1.73 1.55 -1.51
N HIS A 11 1.92 0.23 -1.35
CA HIS A 11 0.90 -0.73 -1.77
C HIS A 11 1.16 -2.08 -1.13
N ALA A 12 1.57 -2.07 0.14
CA ALA A 12 1.85 -3.31 0.86
C ALA A 12 0.54 -4.00 1.25
N GLY A 13 -0.16 -4.52 0.25
CA GLY A 13 -1.41 -5.21 0.51
C GLY A 13 -2.36 -4.35 1.32
N LYS A 14 -3.26 -3.65 0.63
CA LYS A 14 -4.22 -2.80 1.30
C LYS A 14 -5.28 -2.29 0.32
N HIS A 15 -4.86 -2.07 -0.93
CA HIS A 15 -5.79 -1.61 -1.96
C HIS A 15 -5.14 -1.70 -3.34
N ALA A 16 -4.09 -2.52 -3.43
CA ALA A 16 -3.40 -2.70 -4.70
C ALA A 16 -2.45 -3.90 -4.62
N GLY A 17 -2.75 -4.82 -3.71
CA GLY A 17 -1.92 -6.01 -3.54
C GLY A 17 -2.16 -7.03 -4.63
N LYS A 18 -2.70 -6.57 -5.76
CA LYS A 18 -2.97 -7.46 -6.88
C LYS A 18 -3.88 -8.60 -6.44
N ALA A 19 -4.42 -8.48 -5.22
CA ALA A 19 -5.32 -9.51 -4.69
C ALA A 19 -5.95 -9.02 -3.39
N ALA A 20 -5.23 -8.19 -2.66
CA ALA A 20 -5.73 -7.66 -1.39
C ALA A 20 -6.85 -6.65 -1.63
N LEU A 21 -6.93 -6.14 -2.85
CA LEU A 21 -7.95 -5.16 -3.19
C LEU A 21 -9.33 -5.67 -2.76
N THR A 22 -9.68 -6.87 -3.21
CA THR A 22 -10.96 -7.46 -2.86
C THR A 22 -11.04 -7.71 -1.36
N HIS A 23 -9.87 -7.92 -0.74
CA HIS A 23 -9.82 -8.16 0.69
C HIS A 23 -10.79 -9.27 1.09
N TYR A 24 -10.31 -10.52 1.03
CA TYR A 24 -11.15 -11.66 1.39
C TYR A 24 -11.24 -11.82 2.91
N LEU A 25 -10.19 -12.38 3.50
CA LEU A 25 -10.16 -12.58 4.94
C LEU A 25 -8.75 -12.98 5.39
N GLY A 1 4.52 1.05 2.00
CA GLY A 1 4.00 0.52 3.25
C GLY A 1 4.53 1.27 4.45
N TRP A 2 5.73 1.81 4.32
CA TRP A 2 6.34 2.56 5.42
C TRP A 2 5.60 3.88 5.63
N GLY A 3 5.36 4.22 6.89
CA GLY A 3 4.67 5.45 7.23
C GLY A 3 5.52 6.67 6.99
N SER A 4 6.62 6.49 6.26
CA SER A 4 7.52 7.59 5.96
C SER A 4 6.87 8.55 4.96
N PHE A 5 7.63 9.54 4.52
CA PHE A 5 7.12 10.53 3.57
C PHE A 5 6.85 9.86 2.21
N PHE A 6 5.67 10.09 1.68
CA PHE A 6 5.30 9.51 0.38
C PHE A 6 6.20 10.07 -0.72
N LYS A 7 6.04 9.55 -1.93
CA LYS A 7 6.84 9.99 -3.05
C LYS A 7 6.34 9.38 -4.36
N LYS A 8 5.03 9.43 -4.56
CA LYS A 8 4.42 8.88 -5.77
C LYS A 8 4.84 7.41 -5.96
N ALA A 9 4.99 6.71 -4.85
CA ALA A 9 5.38 5.30 -4.90
C ALA A 9 5.26 4.66 -3.52
N ALA A 10 4.15 3.97 -3.28
CA ALA A 10 3.94 3.32 -1.99
C ALA A 10 2.74 2.37 -2.06
N HIS A 11 2.08 2.35 -3.21
CA HIS A 11 0.92 1.48 -3.39
C HIS A 11 1.35 0.01 -3.40
N ALA A 12 1.92 -0.43 -4.52
CA ALA A 12 2.37 -1.81 -4.64
C ALA A 12 1.27 -2.78 -4.22
N GLY A 13 0.16 -2.75 -4.94
CA GLY A 13 -0.95 -3.63 -4.64
C GLY A 13 -2.16 -3.34 -5.51
N LYS A 14 -3.16 -2.69 -4.93
CA LYS A 14 -4.37 -2.36 -5.67
C LYS A 14 -5.25 -1.41 -4.87
N HIS A 15 -5.60 -0.28 -5.47
CA HIS A 15 -6.44 0.71 -4.80
C HIS A 15 -5.82 1.10 -3.45
N ALA A 16 -4.54 0.82 -3.29
CA ALA A 16 -3.84 1.13 -2.04
C ALA A 16 -4.62 0.60 -0.85
N GLY A 17 -5.07 -0.65 -0.92
CA GLY A 17 -5.81 -1.25 0.16
C GLY A 17 -4.91 -1.67 1.31
N LYS A 18 -3.68 -1.13 1.32
CA LYS A 18 -2.71 -1.44 2.35
C LYS A 18 -2.18 -2.87 2.19
N ALA A 19 -2.90 -3.67 1.40
CA ALA A 19 -2.50 -5.06 1.16
C ALA A 19 -3.39 -5.68 0.09
N ALA A 20 -3.72 -4.90 -0.93
CA ALA A 20 -4.57 -5.36 -2.00
C ALA A 20 -5.91 -5.86 -1.45
N LEU A 21 -6.84 -4.92 -1.27
CA LEU A 21 -8.16 -5.25 -0.74
C LEU A 21 -8.05 -5.89 0.64
N THR A 22 -7.67 -7.16 0.70
CA THR A 22 -7.52 -7.86 1.96
C THR A 22 -6.77 -9.17 1.78
N HIS A 23 -5.58 -9.08 1.21
CA HIS A 23 -4.75 -10.27 0.97
C HIS A 23 -4.17 -10.79 2.28
N TYR A 24 -4.83 -11.79 2.85
CA TYR A 24 -4.35 -12.39 4.10
C TYR A 24 -4.14 -11.29 5.16
N LEU A 25 -3.77 -11.72 6.36
CA LEU A 25 -3.54 -10.77 7.45
C LEU A 25 -2.30 -9.94 7.18
N GLY A 1 9.23 1.52 0.30
CA GLY A 1 9.30 0.82 1.57
C GLY A 1 7.94 0.39 2.06
N TRP A 2 7.79 0.32 3.38
CA TRP A 2 6.52 -0.08 3.97
C TRP A 2 5.47 1.03 3.80
N GLY A 3 5.13 1.70 4.90
CA GLY A 3 4.15 2.76 4.85
C GLY A 3 4.66 3.97 4.10
N SER A 4 5.83 4.45 4.50
CA SER A 4 6.43 5.62 3.86
C SER A 4 5.50 6.82 3.96
N PHE A 5 6.08 8.02 3.90
CA PHE A 5 5.29 9.25 4.00
C PHE A 5 4.31 9.34 2.83
N PHE A 6 3.25 10.12 3.01
CA PHE A 6 2.24 10.29 1.97
C PHE A 6 2.77 11.19 0.85
N LYS A 7 4.04 11.06 0.54
CA LYS A 7 4.65 11.87 -0.52
C LYS A 7 4.14 11.43 -1.88
N LYS A 8 3.35 12.29 -2.53
CA LYS A 8 2.81 11.97 -3.84
C LYS A 8 2.07 10.65 -3.83
N ALA A 9 2.81 9.55 -3.99
CA ALA A 9 2.21 8.22 -3.97
C ALA A 9 3.27 7.16 -3.70
N ALA A 10 2.82 5.93 -3.49
CA ALA A 10 3.73 4.82 -3.21
C ALA A 10 2.98 3.50 -3.20
N HIS A 11 3.69 2.42 -3.52
CA HIS A 11 3.07 1.09 -3.55
C HIS A 11 2.87 0.55 -2.14
N ALA A 12 2.75 1.46 -1.17
CA ALA A 12 2.56 1.05 0.21
C ALA A 12 1.28 0.23 0.35
N GLY A 13 0.31 0.51 -0.50
CA GLY A 13 -0.96 -0.20 -0.46
C GLY A 13 -2.01 0.46 -1.33
N LYS A 14 -2.12 0.01 -2.57
CA LYS A 14 -3.10 0.57 -3.50
C LYS A 14 -3.14 -0.25 -4.79
N HIS A 15 -2.09 -0.09 -5.61
CA HIS A 15 -2.00 -0.82 -6.87
C HIS A 15 -1.57 -2.26 -6.62
N ALA A 16 -1.09 -2.52 -5.40
CA ALA A 16 -0.65 -3.86 -5.04
C ALA A 16 -1.83 -4.82 -4.99
N GLY A 17 -2.73 -4.61 -4.03
CA GLY A 17 -3.90 -5.46 -3.89
C GLY A 17 -3.52 -6.86 -3.42
N LYS A 18 -2.22 -7.15 -3.40
CA LYS A 18 -1.76 -8.46 -2.98
C LYS A 18 -2.10 -8.69 -1.51
N ALA A 19 -2.44 -7.61 -0.82
CA ALA A 19 -2.79 -7.69 0.59
C ALA A 19 -3.36 -6.36 1.07
N ALA A 20 -3.33 -5.35 0.18
CA ALA A 20 -3.84 -4.02 0.52
C ALA A 20 -5.37 -4.02 0.48
N LEU A 21 -5.94 -3.98 -0.72
CA LEU A 21 -7.39 -3.97 -0.86
C LEU A 21 -8.01 -5.12 -0.07
N THR A 22 -7.29 -6.24 0.01
CA THR A 22 -7.79 -7.39 0.74
C THR A 22 -8.10 -7.02 2.18
N HIS A 23 -7.09 -6.52 2.89
CA HIS A 23 -7.27 -6.11 4.28
C HIS A 23 -7.83 -7.27 5.10
N TYR A 24 -6.96 -8.23 5.44
CA TYR A 24 -7.38 -9.38 6.22
C TYR A 24 -6.17 -10.20 6.66
N LEU A 25 -5.27 -10.46 5.73
CA LEU A 25 -4.06 -11.24 6.03
C LEU A 25 -3.27 -10.55 7.14
N GLY A 1 15.64 10.71 -0.58
CA GLY A 1 15.11 10.41 0.74
C GLY A 1 14.19 11.52 1.23
N TRP A 2 12.89 11.30 1.12
CA TRP A 2 11.92 12.29 1.57
C TRP A 2 10.52 11.69 1.60
N GLY A 3 9.63 12.31 2.38
CA GLY A 3 8.27 11.82 2.49
C GLY A 3 8.21 10.45 3.14
N SER A 4 8.16 9.41 2.31
CA SER A 4 8.10 8.04 2.81
C SER A 4 6.99 7.90 3.85
N PHE A 5 5.74 7.93 3.39
CA PHE A 5 4.61 7.79 4.28
C PHE A 5 4.69 6.50 5.08
N PHE A 6 4.29 5.39 4.44
CA PHE A 6 4.34 4.08 5.09
C PHE A 6 4.42 2.97 4.04
N LYS A 7 5.25 1.97 4.32
CA LYS A 7 5.42 0.86 3.39
C LYS A 7 4.15 0.02 3.33
N LYS A 8 3.93 -0.79 4.36
CA LYS A 8 2.75 -1.65 4.42
C LYS A 8 1.49 -0.80 4.62
N ALA A 9 0.34 -1.48 4.65
CA ALA A 9 -0.94 -0.78 4.84
C ALA A 9 -1.06 0.37 3.86
N ALA A 10 -2.12 1.16 4.00
CA ALA A 10 -2.36 2.30 3.12
C ALA A 10 -2.40 1.86 1.66
N HIS A 11 -1.22 1.68 1.08
CA HIS A 11 -1.11 1.25 -0.33
C HIS A 11 0.09 0.34 -0.52
N ALA A 12 -0.17 -0.96 -0.63
CA ALA A 12 0.91 -1.92 -0.81
C ALA A 12 1.60 -1.70 -2.15
N GLY A 13 1.14 -0.71 -2.89
CA GLY A 13 1.72 -0.39 -4.19
C GLY A 13 1.09 0.83 -4.81
N LYS A 14 -0.21 0.76 -5.08
CA LYS A 14 -0.92 1.88 -5.68
C LYS A 14 -2.42 1.65 -5.62
N HIS A 15 -2.95 1.56 -4.40
CA HIS A 15 -4.39 1.34 -4.21
C HIS A 15 -4.83 0.07 -4.95
N ALA A 16 -3.86 -0.68 -5.46
CA ALA A 16 -4.15 -1.91 -6.19
C ALA A 16 -2.88 -2.71 -6.42
N GLY A 17 -2.19 -3.04 -5.34
CA GLY A 17 -0.96 -3.80 -5.44
C GLY A 17 -1.22 -5.25 -5.79
N LYS A 18 -1.67 -5.49 -7.02
CA LYS A 18 -1.96 -6.85 -7.47
C LYS A 18 -3.04 -7.48 -6.59
N ALA A 19 -3.56 -6.70 -5.66
CA ALA A 19 -4.60 -7.19 -4.75
C ALA A 19 -5.11 -6.04 -3.88
N ALA A 20 -6.37 -6.11 -3.48
CA ALA A 20 -6.96 -5.08 -2.63
C ALA A 20 -6.07 -4.82 -1.42
N LEU A 21 -5.16 -3.86 -1.56
CA LEU A 21 -4.25 -3.51 -0.46
C LEU A 21 -3.48 -4.75 0.00
N THR A 22 -4.11 -5.56 0.84
CA THR A 22 -3.48 -6.78 1.33
C THR A 22 -4.53 -7.77 1.82
N HIS A 23 -5.59 -7.92 1.03
CA HIS A 23 -6.68 -8.84 1.38
C HIS A 23 -7.13 -8.60 2.82
N TYR A 24 -8.21 -7.85 2.98
CA TYR A 24 -8.73 -7.56 4.32
C TYR A 24 -10.14 -6.97 4.23
N LEU A 25 -10.40 -6.25 3.13
CA LEU A 25 -11.72 -5.63 2.94
C LEU A 25 -12.76 -6.71 2.65
N GLY A 1 17.61 13.83 5.92
CA GLY A 1 16.64 14.48 6.78
C GLY A 1 16.17 13.57 7.89
N TRP A 2 15.30 14.09 8.75
CA TRP A 2 14.78 13.30 9.87
C TRP A 2 13.85 12.21 9.35
N GLY A 3 12.68 12.60 8.87
CA GLY A 3 11.71 11.65 8.37
C GLY A 3 12.21 10.96 7.11
N SER A 4 12.15 11.67 5.99
CA SER A 4 12.60 11.11 4.72
C SER A 4 11.89 9.80 4.44
N PHE A 5 10.88 9.48 5.24
CA PHE A 5 10.12 8.25 5.07
C PHE A 5 9.17 8.36 3.88
N PHE A 6 9.56 7.77 2.75
CA PHE A 6 8.74 7.81 1.55
C PHE A 6 7.40 7.12 1.80
N LYS A 7 6.31 7.75 1.36
CA LYS A 7 4.99 7.17 1.54
C LYS A 7 4.79 5.99 0.59
N LYS A 8 4.05 4.99 1.04
CA LYS A 8 3.78 3.81 0.22
C LYS A 8 2.75 4.13 -0.86
N ALA A 9 2.39 5.41 -0.96
CA ALA A 9 1.41 5.84 -1.95
C ALA A 9 0.10 5.07 -1.77
N ALA A 10 -0.98 5.62 -2.34
CA ALA A 10 -2.29 4.99 -2.25
C ALA A 10 -2.31 3.71 -3.06
N HIS A 11 -2.74 2.61 -2.43
CA HIS A 11 -2.81 1.32 -3.11
C HIS A 11 -4.02 1.28 -4.04
N ALA A 12 -3.93 0.45 -5.07
CA ALA A 12 -5.03 0.32 -6.03
C ALA A 12 -4.76 -0.86 -6.96
N GLY A 13 -3.62 -1.51 -6.78
CA GLY A 13 -3.25 -2.65 -7.59
C GLY A 13 -1.88 -3.18 -7.23
N LYS A 14 -1.71 -3.51 -5.95
CA LYS A 14 -0.42 -4.01 -5.47
C LYS A 14 -0.60 -4.71 -4.12
N HIS A 15 0.20 -4.33 -3.13
CA HIS A 15 0.12 -4.95 -1.81
C HIS A 15 -1.33 -4.95 -1.30
N ALA A 16 -2.20 -4.21 -2.00
CA ALA A 16 -3.60 -4.15 -1.60
C ALA A 16 -4.46 -3.69 -2.78
N GLY A 17 -4.61 -4.57 -3.76
CA GLY A 17 -5.41 -4.25 -4.93
C GLY A 17 -5.28 -5.32 -6.01
N LYS A 18 -4.63 -6.42 -5.67
CA LYS A 18 -4.44 -7.52 -6.61
C LYS A 18 -3.89 -8.75 -5.89
N ALA A 19 -3.17 -8.53 -4.81
CA ALA A 19 -2.60 -9.63 -4.02
C ALA A 19 -3.69 -10.30 -3.20
N ALA A 20 -4.63 -9.51 -2.71
CA ALA A 20 -5.72 -10.05 -1.90
C ALA A 20 -6.80 -8.99 -1.69
N LEU A 21 -6.80 -7.98 -2.56
CA LEU A 21 -7.78 -6.90 -2.46
C LEU A 21 -7.76 -6.27 -1.07
N THR A 22 -8.92 -5.80 -0.61
CA THR A 22 -9.02 -5.17 0.70
C THR A 22 -9.05 -6.24 1.80
N HIS A 23 -8.37 -7.36 1.54
CA HIS A 23 -8.31 -8.45 2.51
C HIS A 23 -9.71 -8.78 3.03
N TYR A 24 -10.40 -9.66 2.33
CA TYR A 24 -11.75 -10.06 2.73
C TYR A 24 -11.70 -10.95 3.97
N LEU A 25 -12.56 -10.64 4.94
CA LEU A 25 -12.60 -11.42 6.18
C LEU A 25 -13.25 -12.77 5.92
N GLY A 1 15.68 12.58 6.81
CA GLY A 1 15.09 11.27 6.94
C GLY A 1 14.51 11.04 8.33
N TRP A 2 13.28 10.54 8.37
CA TRP A 2 12.61 10.26 9.65
C TRP A 2 11.51 9.23 9.47
N GLY A 3 10.84 9.28 8.31
CA GLY A 3 9.77 8.34 8.03
C GLY A 3 9.32 8.41 6.58
N SER A 4 10.11 9.11 5.76
CA SER A 4 9.79 9.24 4.35
C SER A 4 8.36 9.75 4.17
N PHE A 5 8.23 11.07 4.02
CA PHE A 5 6.91 11.67 3.84
C PHE A 5 6.24 11.14 2.58
N PHE A 6 7.00 11.06 1.49
CA PHE A 6 6.48 10.56 0.24
C PHE A 6 5.95 9.15 0.39
N LYS A 7 6.86 8.21 0.71
CA LYS A 7 6.49 6.81 0.89
C LYS A 7 5.79 6.27 -0.35
N LYS A 8 5.79 4.95 -0.50
CA LYS A 8 5.16 4.32 -1.65
C LYS A 8 3.64 4.38 -1.53
N ALA A 9 2.96 4.54 -2.65
CA ALA A 9 1.51 4.63 -2.65
C ALA A 9 0.97 4.55 -4.07
N ALA A 10 1.66 3.81 -4.93
CA ALA A 10 1.24 3.66 -6.31
C ALA A 10 0.00 2.78 -6.40
N HIS A 11 0.05 1.63 -5.73
CA HIS A 11 -1.09 0.70 -5.74
C HIS A 11 -0.89 -0.38 -4.70
N ALA A 12 0.24 -1.08 -4.79
CA ALA A 12 0.55 -2.16 -3.85
C ALA A 12 -0.59 -3.18 -3.81
N GLY A 13 -0.33 -4.33 -3.19
CA GLY A 13 -1.33 -5.38 -3.10
C GLY A 13 -1.79 -5.85 -4.46
N LYS A 14 -2.66 -5.06 -5.10
CA LYS A 14 -3.18 -5.41 -6.42
C LYS A 14 -3.72 -4.16 -7.12
N HIS A 15 -4.65 -3.47 -6.46
CA HIS A 15 -5.24 -2.27 -7.03
C HIS A 15 -6.07 -1.53 -5.98
N ALA A 16 -5.67 -1.66 -4.72
CA ALA A 16 -6.39 -1.01 -3.64
C ALA A 16 -5.58 -1.05 -2.34
N GLY A 17 -5.04 -2.22 -2.02
CA GLY A 17 -4.25 -2.39 -0.82
C GLY A 17 -5.11 -2.37 0.42
N LYS A 18 -5.67 -1.20 0.74
CA LYS A 18 -6.53 -1.06 1.91
C LYS A 18 -7.64 -2.10 1.88
N ALA A 19 -7.78 -2.77 0.73
CA ALA A 19 -8.82 -3.79 0.57
C ALA A 19 -8.37 -4.83 -0.46
N ALA A 20 -7.14 -5.32 -0.31
CA ALA A 20 -6.60 -6.31 -1.23
C ALA A 20 -5.39 -7.00 -0.60
N LEU A 21 -4.38 -6.21 -0.24
CA LEU A 21 -3.18 -6.77 0.37
C LEU A 21 -3.55 -7.63 1.58
N THR A 22 -4.06 -6.97 2.62
CA THR A 22 -4.46 -7.68 3.84
C THR A 22 -5.84 -8.29 3.67
N HIS A 23 -5.96 -9.21 2.71
CA HIS A 23 -7.24 -9.87 2.46
C HIS A 23 -7.05 -11.03 1.50
N TYR A 24 -7.42 -12.23 1.95
CA TYR A 24 -7.28 -13.43 1.12
C TYR A 24 -8.24 -13.36 -0.07
N LEU A 25 -8.54 -14.52 -0.65
CA LEU A 25 -9.44 -14.57 -1.79
C LEU A 25 -10.88 -14.33 -1.36
N GLY A 1 13.78 1.99 3.59
CA GLY A 1 12.48 2.61 3.80
C GLY A 1 12.45 3.43 5.08
N TRP A 2 11.24 3.70 5.56
CA TRP A 2 11.07 4.47 6.79
C TRP A 2 9.62 4.46 7.25
N GLY A 3 8.78 5.20 6.54
CA GLY A 3 7.36 5.27 6.89
C GLY A 3 6.57 6.07 5.87
N SER A 4 6.91 5.90 4.59
CA SER A 4 6.22 6.62 3.53
C SER A 4 6.30 8.13 3.77
N PHE A 5 6.02 8.90 2.72
CA PHE A 5 6.07 10.36 2.83
C PHE A 5 5.48 11.01 1.58
N PHE A 6 5.57 10.31 0.46
CA PHE A 6 5.04 10.83 -0.80
C PHE A 6 3.55 11.11 -0.68
N LYS A 7 3.10 12.16 -1.36
CA LYS A 7 1.68 12.52 -1.32
C LYS A 7 0.84 11.48 -2.04
N LYS A 8 0.88 11.49 -3.36
CA LYS A 8 0.11 10.53 -4.15
C LYS A 8 0.73 9.14 -4.06
N ALA A 9 -0.12 8.15 -3.77
CA ALA A 9 0.36 6.77 -3.66
C ALA A 9 -0.82 5.80 -3.71
N ALA A 10 -1.23 5.44 -4.92
CA ALA A 10 -2.35 4.52 -5.09
C ALA A 10 -1.99 3.13 -4.56
N HIS A 11 -2.59 2.77 -3.43
CA HIS A 11 -2.33 1.47 -2.82
C HIS A 11 -3.10 0.37 -3.55
N ALA A 12 -2.37 -0.60 -4.09
CA ALA A 12 -3.00 -1.70 -4.82
C ALA A 12 -2.02 -2.86 -4.99
N GLY A 13 -0.78 -2.64 -4.55
CA GLY A 13 0.23 -3.67 -4.66
C GLY A 13 1.61 -3.14 -4.28
N LYS A 14 1.84 -2.95 -2.99
CA LYS A 14 3.12 -2.45 -2.51
C LYS A 14 3.21 -2.59 -0.99
N HIS A 15 3.57 -1.51 -0.30
CA HIS A 15 3.69 -1.55 1.16
C HIS A 15 2.35 -1.89 1.80
N ALA A 16 1.28 -1.81 1.00
CA ALA A 16 -0.06 -2.10 1.51
C ALA A 16 -0.07 -3.43 2.27
N GLY A 17 -0.02 -4.54 1.54
CA GLY A 17 -0.02 -5.85 2.15
C GLY A 17 -1.36 -6.21 2.74
N LYS A 18 -1.72 -5.55 3.85
CA LYS A 18 -2.99 -5.83 4.52
C LYS A 18 -4.15 -5.16 3.78
N ALA A 19 -4.16 -5.30 2.46
CA ALA A 19 -5.22 -4.72 1.63
C ALA A 19 -5.09 -5.22 0.21
N ALA A 20 -3.93 -5.00 -0.40
CA ALA A 20 -3.69 -5.43 -1.78
C ALA A 20 -3.50 -6.95 -1.80
N LEU A 21 -2.39 -7.41 -1.25
CA LEU A 21 -2.09 -8.84 -1.21
C LEU A 21 -2.82 -9.50 -0.04
N THR A 22 -4.14 -9.57 -0.14
CA THR A 22 -4.95 -10.18 0.93
C THR A 22 -6.33 -10.58 0.40
N HIS A 23 -7.10 -9.59 -0.05
CA HIS A 23 -8.43 -9.86 -0.57
C HIS A 23 -8.94 -8.65 -1.36
N TYR A 24 -10.10 -8.82 -2.00
CA TYR A 24 -10.69 -7.75 -2.79
C TYR A 24 -11.28 -6.67 -1.89
N LEU A 25 -11.84 -7.11 -0.76
CA LEU A 25 -12.44 -6.16 0.19
C LEU A 25 -11.37 -5.26 0.79
N GLY A 1 17.91 11.90 0.92
CA GLY A 1 16.78 12.48 1.61
C GLY A 1 17.15 13.02 2.97
N TRP A 2 17.24 14.34 3.08
CA TRP A 2 17.59 14.98 4.35
C TRP A 2 16.42 14.92 5.32
N GLY A 3 15.21 15.01 4.78
CA GLY A 3 14.02 14.98 5.60
C GLY A 3 12.75 15.09 4.77
N SER A 4 12.44 14.03 4.03
CA SER A 4 11.25 14.03 3.19
C SER A 4 10.93 12.60 2.74
N PHE A 5 10.28 11.83 3.61
CA PHE A 5 9.92 10.46 3.29
C PHE A 5 8.77 10.44 2.28
N PHE A 6 8.54 9.27 1.68
CA PHE A 6 7.46 9.14 0.71
C PHE A 6 6.10 9.26 1.39
N LYS A 7 5.60 8.13 1.90
CA LYS A 7 4.31 8.12 2.58
C LYS A 7 4.15 6.85 3.40
N LYS A 8 4.98 5.85 3.08
CA LYS A 8 4.93 4.58 3.80
C LYS A 8 3.55 3.93 3.66
N ALA A 9 3.52 2.60 3.63
CA ALA A 9 2.27 1.87 3.51
C ALA A 9 1.48 2.36 2.30
N ALA A 10 2.05 2.18 1.12
CA ALA A 10 1.39 2.61 -0.11
C ALA A 10 0.25 1.65 -0.47
N HIS A 11 -0.29 1.80 -1.68
CA HIS A 11 -1.38 0.95 -2.13
C HIS A 11 -0.86 -0.42 -2.53
N ALA A 12 0.35 -0.75 -2.08
CA ALA A 12 0.95 -2.04 -2.41
C ALA A 12 0.17 -3.18 -1.76
N GLY A 13 -0.66 -2.83 -0.78
CA GLY A 13 -1.46 -3.83 -0.09
C GLY A 13 -2.17 -3.25 1.12
N LYS A 14 -3.45 -2.93 0.96
CA LYS A 14 -4.22 -2.37 2.05
C LYS A 14 -5.71 -2.41 1.73
N HIS A 15 -6.04 -2.20 0.46
CA HIS A 15 -7.45 -2.23 0.03
C HIS A 15 -7.53 -2.32 -1.48
N ALA A 16 -6.39 -2.58 -2.13
CA ALA A 16 -6.35 -2.70 -3.59
C ALA A 16 -5.04 -3.34 -4.04
N GLY A 17 -4.61 -4.37 -3.31
CA GLY A 17 -3.38 -5.06 -3.64
C GLY A 17 -3.61 -6.14 -4.67
N LYS A 18 -3.90 -5.73 -5.90
CA LYS A 18 -4.16 -6.68 -6.98
C LYS A 18 -5.27 -7.65 -6.57
N ALA A 19 -4.89 -8.70 -5.86
CA ALA A 19 -5.86 -9.70 -5.41
C ALA A 19 -6.60 -9.20 -4.18
N ALA A 20 -6.31 -7.97 -3.76
CA ALA A 20 -6.95 -7.40 -2.58
C ALA A 20 -6.79 -8.33 -1.39
N LEU A 21 -5.72 -8.12 -0.62
CA LEU A 21 -5.47 -8.94 0.56
C LEU A 21 -5.46 -10.42 0.18
N THR A 22 -6.64 -11.05 0.22
CA THR A 22 -6.75 -12.46 -0.12
C THR A 22 -8.12 -12.74 -0.74
N HIS A 23 -8.41 -12.09 -1.85
CA HIS A 23 -9.68 -12.27 -2.54
C HIS A 23 -10.84 -12.07 -1.56
N TYR A 24 -11.35 -10.85 -1.48
CA TYR A 24 -12.46 -10.54 -0.60
C TYR A 24 -13.07 -9.19 -0.95
N LEU A 25 -14.38 -9.06 -0.79
CA LEU A 25 -15.07 -7.81 -1.10
C LEU A 25 -16.45 -7.78 -0.45
#